data_1E4E
#
_entry.id   1E4E
#
_cell.length_a   123.204
_cell.length_b   225.359
_cell.length_c   72.439
_cell.angle_alpha   90.00
_cell.angle_beta   90.00
_cell.angle_gamma   90.00
#
_symmetry.space_group_name_H-M   'C 2 2 21'
#
loop_
_entity.id
_entity.type
_entity.pdbx_description
1 polymer 'VANCOMYCIN/TEICOPLANIN A-TYPE RESISTANCE PROTEIN VANA'
2 polymer 'VANCOMYCIN/TEICOPLANIN A-TYPE RESISTANCE PROTEIN VANA'
3 non-polymer "ADENOSINE-5'-DIPHOSPHATE"
4 non-polymer '1(S)-AMINOETHYL-(2-CARBOXYPROPYL)PHOSPHORYL-PHOSPHINIC ACID'
5 non-polymer 'MAGNESIUM ION'
6 non-polymer 'SULFATE ION'
7 non-polymer GLYCEROL
8 water water
#
loop_
_entity_poly.entity_id
_entity_poly.type
_entity_poly.pdbx_seq_one_letter_code
_entity_poly.pdbx_strand_id
1 'polypeptide(L)'
;MNRIKVAILFGGCSEEHDVSVKSAIEIAANINKEKYEPLYIGITKSGVWKMCEKPCAEWENENCYSAVLSPDKKMHGLLV
KKNHEYEINHVDVAFSALHGKSGEDGSIQGLFELSGIPFVGCDIQSSAICMDKSLTYIVAKNAGIATPAFWVINKDDRPV
AATFTYPVFVKPARSGSSFGVKKVNSADELDYAIESARQYDSKILIEQAVSGCEVGCAVLGNSAALVVGEVDQIRLQYGI
FRIHQEVEPEKGSENAVITVPADLSAEERGRIQETVKKIYKTLGCRGLARVDMFLQDNGRIVLNEVNTLPGFTSYSRYPR
MMAAAGISLPELIDRLIVLALKG
;
A
2 'polypeptide(L)'
;MNRIKVAILFGGCSEEHDVSVKSAIEIAANINKEKYEPLYIGITKSGVWKMCEKPCAEWENENCYSAVLSPDKKMHGLLV
KKNHEYEINHVDVAFSALHGKSGEDGSIQGLFELSGIPFVGCDIQSSAICMDKSLTYIVAKNAGIATPAFWVINKDDRPV
AATFTYPVFVKPARSGSSFGVKKVNSADELDYAIESARQYDSKILIEQAVSGCEVGCAVLGNSAALVVGEVDQIRLQYGI
FRIHQEVEPEKGSENAVITVPADLSAEERGRIQETVKKIYKTLGCRGLARVDMFLQDRGRIVLNEVNTLPGFTSYSRYPR
MMAAAGISLPELIDRLIVLALKG
;
B
#
loop_
_chem_comp.id
_chem_comp.type
_chem_comp.name
_chem_comp.formula
ADP non-polymer ADENOSINE-5'-DIPHOSPHATE 'C10 H15 N5 O10 P2'
GOL non-polymer GLYCEROL 'C3 H8 O3'
MG non-polymer 'MAGNESIUM ION' 'Mg 2'
PHY non-polymer '1(S)-AMINOETHYL-(2-CARBOXYPROPYL)PHOSPHORYL-PHOSPHINIC ACID' 'C6 H15 N O7 P2'
SO4 non-polymer 'SULFATE ION' 'O4 S -2'
#
# COMPACT_ATOMS: atom_id res chain seq x y z
N ASN A 2 18.91 7.16 28.01
CA ASN A 2 17.89 8.08 27.43
C ASN A 2 16.42 7.63 27.51
N ARG A 3 15.56 8.60 27.26
CA ARG A 3 14.16 8.32 26.98
C ARG A 3 14.02 7.81 25.52
N ILE A 4 12.97 7.07 25.20
CA ILE A 4 12.84 6.67 23.81
C ILE A 4 12.41 7.87 22.98
N LYS A 5 13.17 8.28 21.95
CA LYS A 5 12.73 9.37 21.07
C LYS A 5 11.64 8.85 20.16
N VAL A 6 10.47 9.47 20.28
CA VAL A 6 9.29 9.20 19.49
C VAL A 6 8.84 10.37 18.53
N ALA A 7 8.96 10.12 17.24
CA ALA A 7 8.49 11.12 16.33
C ALA A 7 6.97 10.93 16.19
N ILE A 8 6.26 12.02 16.51
CA ILE A 8 4.81 12.09 16.44
C ILE A 8 4.35 13.03 15.36
N LEU A 9 3.86 12.41 14.29
CA LEU A 9 3.42 13.13 13.08
C LEU A 9 1.93 13.46 13.17
N PHE A 10 1.55 14.63 12.71
CA PHE A 10 0.13 15.02 12.81
C PHE A 10 -0.21 16.11 11.82
N GLY A 11 -1.51 16.32 11.64
CA GLY A 11 -2.00 17.32 10.68
C GLY A 11 -2.24 16.70 9.32
N GLY A 12 -1.41 16.99 8.33
CA GLY A 12 -1.57 16.32 7.06
C GLY A 12 -2.23 17.06 5.95
N CYS A 13 -1.86 16.67 4.75
CA CYS A 13 -2.49 17.19 3.56
C CYS A 13 -3.65 16.22 3.33
N SER A 14 -4.77 16.45 4.04
CA SER A 14 -5.85 15.55 4.06
C SER A 14 -7.04 16.27 4.63
N GLU A 15 -8.25 16.08 4.15
CA GLU A 15 -9.38 16.62 4.81
C GLU A 15 -9.54 16.17 6.27
N GLU A 16 -8.91 15.13 6.78
CA GLU A 16 -9.10 14.92 8.24
C GLU A 16 -8.03 15.64 9.08
N HIS A 17 -7.32 16.55 8.43
CA HIS A 17 -6.30 17.36 9.09
C HIS A 17 -6.69 17.84 10.44
N ASP A 18 -7.84 18.50 10.57
CA ASP A 18 -8.27 19.02 11.89
C ASP A 18 -8.54 17.98 12.90
N VAL A 19 -8.96 16.75 12.50
CA VAL A 19 -9.28 15.77 13.46
C VAL A 19 -7.92 15.25 13.91
N SER A 20 -6.96 15.26 13.00
CA SER A 20 -5.66 14.72 13.34
C SER A 20 -4.92 15.57 14.42
N VAL A 21 -5.01 16.91 14.26
CA VAL A 21 -4.33 17.83 15.21
C VAL A 21 -4.98 17.50 16.62
N LYS A 22 -6.31 17.39 16.62
CA LYS A 22 -6.97 17.00 17.86
C LYS A 22 -6.48 15.74 18.39
N SER A 23 -6.29 14.73 17.54
CA SER A 23 -5.83 13.41 17.96
C SER A 23 -4.47 13.61 18.59
N ALA A 24 -3.64 14.36 17.88
CA ALA A 24 -2.29 14.64 18.41
C ALA A 24 -2.33 15.43 19.70
N ILE A 25 -3.24 16.37 19.85
CA ILE A 25 -3.25 17.10 21.11
C ILE A 25 -3.36 16.15 22.32
N GLU A 26 -4.32 15.24 22.24
CA GLU A 26 -4.49 14.22 23.30
C GLU A 26 -3.23 13.43 23.51
N ILE A 27 -2.62 12.96 22.44
CA ILE A 27 -1.51 12.08 22.63
C ILE A 27 -0.46 12.83 23.27
N ALA A 28 -0.22 14.07 22.84
CA ALA A 28 0.85 14.82 23.53
C ALA A 28 0.50 15.04 24.95
N ALA A 29 -0.77 15.10 25.28
CA ALA A 29 -1.05 15.33 26.69
C ALA A 29 -1.00 14.08 27.54
N ASN A 30 -0.89 12.87 26.97
CA ASN A 30 -0.86 11.66 27.81
C ASN A 30 0.38 10.79 27.75
N ILE A 31 1.19 10.91 26.70
CA ILE A 31 2.35 10.10 26.58
C ILE A 31 3.18 10.31 27.83
N ASN A 32 3.83 9.30 28.32
CA ASN A 32 4.60 9.48 29.51
C ASN A 32 5.99 10.11 29.21
N LYS A 33 6.22 11.38 29.58
CA LYS A 33 7.50 11.98 29.29
C LYS A 33 8.65 11.56 30.23
N GLU A 34 8.38 10.62 31.11
CA GLU A 34 9.45 10.09 31.92
C GLU A 34 10.13 9.11 31.04
N LYS A 35 9.35 8.30 30.37
CA LYS A 35 9.85 7.24 29.49
C LYS A 35 10.17 7.77 28.09
N TYR A 36 9.37 8.73 27.64
CA TYR A 36 9.51 9.08 26.27
C TYR A 36 9.81 10.54 25.99
N GLU A 37 10.60 10.75 24.97
CA GLU A 37 10.86 12.10 24.50
C GLU A 37 10.16 12.35 23.11
N PRO A 38 9.03 13.01 23.15
CA PRO A 38 8.25 13.22 21.97
C PRO A 38 8.82 14.33 21.07
N LEU A 39 8.79 14.07 19.77
CA LEU A 39 9.20 14.99 18.78
C LEU A 39 8.02 15.21 17.82
N TYR A 40 7.41 16.37 17.92
CA TYR A 40 6.30 16.79 17.13
C TYR A 40 6.60 17.38 15.71
N ILE A 41 6.20 16.62 14.69
CA ILE A 41 6.20 17.05 13.33
C ILE A 41 4.74 17.18 12.87
N GLY A 42 4.40 18.41 12.53
CA GLY A 42 3.11 18.75 11.95
C GLY A 42 3.35 18.86 10.42
N ILE A 43 2.34 18.50 9.65
CA ILE A 43 2.39 18.70 8.24
C ILE A 43 1.26 19.59 7.91
N THR A 44 1.54 20.65 7.16
CA THR A 44 0.50 21.56 6.83
C THR A 44 -0.60 20.97 5.96
N LYS A 45 -1.63 21.77 5.70
CA LYS A 45 -2.65 21.27 4.85
C LYS A 45 -2.09 21.08 3.46
N SER A 46 -0.93 21.61 3.25
CA SER A 46 -0.47 21.61 1.93
C SER A 46 0.84 20.87 1.86
N GLY A 47 1.11 19.93 2.77
CA GLY A 47 2.31 19.10 2.64
C GLY A 47 3.65 19.54 3.20
N VAL A 48 3.70 20.59 4.05
CA VAL A 48 4.93 21.08 4.50
C VAL A 48 5.17 20.51 5.89
N TRP A 49 6.39 20.00 6.07
CA TRP A 49 6.81 19.40 7.31
C TRP A 49 7.57 20.33 8.24
N LYS A 50 7.13 20.28 9.51
CA LYS A 50 7.73 21.09 10.52
C LYS A 50 7.76 20.50 11.86
N MET A 51 8.90 20.70 12.59
CA MET A 51 9.05 20.33 13.96
C MET A 51 8.55 21.48 14.85
N CYS A 52 7.65 21.21 15.78
CA CYS A 52 7.18 22.23 16.66
C CYS A 52 7.29 21.72 18.06
N GLU A 53 7.01 22.63 18.98
CA GLU A 53 7.11 22.36 20.37
C GLU A 53 6.01 21.41 20.74
N LYS A 54 4.87 21.63 20.13
CA LYS A 54 3.72 20.82 20.47
C LYS A 54 2.49 20.97 19.60
N PRO A 55 1.71 19.90 19.56
CA PRO A 55 0.48 19.91 18.79
C PRO A 55 -0.52 20.86 19.46
N CYS A 56 -1.14 21.74 18.68
CA CYS A 56 -2.22 22.61 19.16
C CYS A 56 -2.97 23.14 18.00
N ALA A 57 -4.08 23.74 18.31
CA ALA A 57 -4.84 24.39 17.26
C ALA A 57 -4.00 25.35 16.39
N GLU A 58 -3.14 26.15 16.95
CA GLU A 58 -2.31 26.97 16.11
C GLU A 58 -0.93 26.64 16.49
N TRP A 59 -0.54 25.49 15.99
CA TRP A 59 0.75 24.93 16.22
C TRP A 59 1.80 25.57 15.32
N GLU A 60 1.48 26.03 14.10
CA GLU A 60 2.55 26.62 13.30
C GLU A 60 2.88 27.96 13.92
N ASN A 61 4.16 28.17 14.21
CA ASN A 61 4.69 29.28 15.01
C ASN A 61 6.06 29.69 14.44
N GLU A 62 6.60 30.88 14.72
CA GLU A 62 8.02 31.03 14.29
C GLU A 62 8.96 30.09 15.07
N ASN A 63 8.40 29.23 15.91
CA ASN A 63 9.20 28.20 16.53
C ASN A 63 9.31 26.88 15.71
N CYS A 64 8.24 26.46 15.04
CA CYS A 64 8.08 25.20 14.30
C CYS A 64 9.13 24.61 13.33
N TYR A 65 9.85 23.47 13.46
CA TYR A 65 10.99 23.21 12.45
C TYR A 65 10.91 22.63 11.05
N SER A 66 11.47 23.31 10.06
CA SER A 66 11.55 22.57 8.80
C SER A 66 12.28 21.21 9.15
N ALA A 67 11.54 20.11 9.04
CA ALA A 67 12.01 18.85 9.52
C ALA A 67 11.32 17.72 8.84
N VAL A 68 12.09 16.89 8.16
CA VAL A 68 11.52 15.69 7.58
C VAL A 68 12.10 14.39 8.11
N LEU A 69 11.27 13.38 8.07
CA LEU A 69 11.68 12.03 8.39
C LEU A 69 12.26 11.52 7.07
N SER A 70 13.49 11.00 7.13
CA SER A 70 14.22 10.63 5.96
C SER A 70 14.03 9.14 5.69
N PRO A 71 14.12 8.72 4.43
CA PRO A 71 13.96 7.30 4.08
C PRO A 71 15.23 6.54 4.27
N ASP A 72 16.27 7.26 4.63
CA ASP A 72 17.57 6.61 4.81
C ASP A 72 17.78 5.75 6.10
N LYS A 73 18.15 4.48 5.97
CA LYS A 73 18.38 3.61 7.15
C LYS A 73 19.50 4.01 8.07
N LYS A 74 20.58 4.59 7.56
CA LYS A 74 21.62 5.00 8.49
C LYS A 74 21.21 6.21 9.24
N MET A 75 20.57 7.17 8.58
CA MET A 75 20.06 8.34 9.32
C MET A 75 19.10 7.91 10.40
N HIS A 76 18.31 6.84 10.17
CA HIS A 76 17.33 6.39 11.20
C HIS A 76 16.64 7.54 11.98
N GLY A 77 16.09 8.49 11.25
CA GLY A 77 15.44 9.60 11.90
C GLY A 77 15.20 10.78 11.00
N LEU A 78 15.46 11.98 11.49
CA LEU A 78 15.11 13.18 10.77
C LEU A 78 16.23 14.07 10.16
N LEU A 79 15.89 14.85 9.14
CA LEU A 79 16.72 15.95 8.61
C LEU A 79 16.02 17.27 9.14
N VAL A 80 16.65 17.94 10.12
CA VAL A 80 16.08 19.12 10.80
C VAL A 80 16.84 20.41 10.46
N LYS A 81 16.12 21.42 10.04
CA LYS A 81 16.80 22.61 9.59
C LYS A 81 17.04 23.49 10.80
N LYS A 82 18.30 23.72 11.14
CA LYS A 82 18.57 24.66 12.21
C LYS A 82 19.83 25.39 11.77
N ASN A 83 19.76 26.71 11.89
CA ASN A 83 20.80 27.58 11.37
C ASN A 83 20.94 27.51 9.93
N HIS A 84 19.80 27.39 9.29
CA HIS A 84 19.71 27.30 7.86
C HIS A 84 20.39 26.04 7.34
N GLU A 85 20.81 25.13 8.17
CA GLU A 85 21.38 23.89 7.62
C GLU A 85 20.63 22.67 8.11
N TYR A 86 20.39 21.72 7.21
CA TYR A 86 19.71 20.46 7.61
C TYR A 86 20.64 19.62 8.41
N GLU A 87 20.18 19.20 9.57
CA GLU A 87 20.96 18.19 10.26
C GLU A 87 20.21 16.88 10.71
N ILE A 88 21.00 15.82 10.95
CA ILE A 88 20.45 14.55 11.36
C ILE A 88 20.18 14.41 12.80
N ASN A 89 18.91 14.20 13.16
CA ASN A 89 18.45 13.82 14.45
C ASN A 89 17.84 12.45 14.50
N HIS A 90 18.40 11.65 15.42
CA HIS A 90 18.00 10.27 15.57
C HIS A 90 16.62 10.09 16.14
N VAL A 91 15.90 9.07 15.71
CA VAL A 91 14.59 8.87 16.26
C VAL A 91 14.53 7.40 16.67
N ASP A 92 13.83 7.01 17.73
CA ASP A 92 13.72 5.58 18.00
C ASP A 92 12.55 4.84 17.39
N VAL A 93 11.41 5.53 17.33
CA VAL A 93 10.17 4.92 16.97
C VAL A 93 9.30 6.05 16.40
N ALA A 94 8.42 5.70 15.51
CA ALA A 94 7.51 6.69 14.89
C ALA A 94 6.06 6.30 15.15
N PHE A 95 5.32 7.29 15.56
CA PHE A 95 3.96 7.16 15.78
C PHE A 95 3.23 8.22 14.98
N SER A 96 2.65 7.80 13.88
CA SER A 96 1.84 8.71 13.10
C SER A 96 0.43 8.87 13.57
N ALA A 97 0.07 10.13 13.81
CA ALA A 97 -1.31 10.39 14.15
C ALA A 97 -2.11 11.04 12.99
N LEU A 98 -1.59 10.94 11.77
CA LEU A 98 -2.31 11.41 10.62
C LEU A 98 -3.46 10.48 10.38
N HIS A 99 -4.52 11.06 9.83
CA HIS A 99 -5.66 10.30 9.49
C HIS A 99 -6.04 10.34 7.97
N GLY A 100 -6.54 9.25 7.39
CA GLY A 100 -7.01 9.35 6.01
C GLY A 100 -5.86 9.54 5.00
N LYS A 101 -6.12 10.27 3.93
CA LYS A 101 -5.09 10.63 2.96
C LYS A 101 -3.71 10.89 3.56
N SER A 102 -2.81 10.06 3.05
CA SER A 102 -1.38 10.12 3.33
C SER A 102 -1.13 9.44 4.59
N GLY A 103 -2.13 9.33 5.43
CA GLY A 103 -1.91 8.80 6.75
C GLY A 103 -2.35 7.36 7.03
N GLU A 104 -3.54 6.95 6.57
CA GLU A 104 -4.03 5.61 6.65
C GLU A 104 -4.02 4.90 5.30
N ASP A 105 -3.34 5.47 4.29
CA ASP A 105 -3.46 4.82 2.98
C ASP A 105 -2.11 4.17 2.57
N GLY A 106 -1.17 4.07 3.51
CA GLY A 106 0.11 3.45 3.38
C GLY A 106 1.24 4.31 2.83
N SER A 107 0.95 5.55 2.56
CA SER A 107 1.89 6.53 2.19
C SER A 107 2.90 6.80 3.23
N ILE A 108 2.47 7.21 4.42
CA ILE A 108 3.33 7.39 5.58
C ILE A 108 4.00 6.08 5.89
N GLN A 109 3.25 4.95 5.90
CA GLN A 109 3.89 3.66 6.14
C GLN A 109 5.05 3.32 5.17
N GLY A 110 4.87 3.76 3.91
CA GLY A 110 5.88 3.57 2.88
C GLY A 110 7.24 4.22 3.27
N LEU A 111 7.15 5.46 3.75
CA LEU A 111 8.34 6.17 4.20
C LEU A 111 8.85 5.48 5.45
N PHE A 112 7.95 5.14 6.37
CA PHE A 112 8.44 4.46 7.59
C PHE A 112 9.18 3.16 7.17
N GLU A 113 8.62 2.35 6.27
CA GLU A 113 9.34 1.15 5.87
C GLU A 113 10.73 1.45 5.33
N LEU A 114 10.88 2.50 4.54
CA LEU A 114 12.15 2.80 3.85
C LEU A 114 13.18 3.17 4.89
N SER A 115 12.76 3.95 5.90
CA SER A 115 13.61 4.42 6.96
C SER A 115 14.11 3.40 7.94
N GLY A 116 13.42 2.24 8.06
CA GLY A 116 13.73 1.25 9.07
C GLY A 116 13.37 1.72 10.50
N ILE A 117 12.77 2.90 10.68
CA ILE A 117 12.38 3.21 12.04
C ILE A 117 11.17 2.32 12.44
N PRO A 118 11.20 1.70 13.59
CA PRO A 118 10.01 1.02 14.06
C PRO A 118 8.89 2.09 14.20
N PHE A 119 7.67 1.70 13.84
CA PHE A 119 6.48 2.54 13.87
C PHE A 119 5.23 1.80 14.33
N VAL A 120 4.33 2.55 14.88
CA VAL A 120 3.10 2.07 15.42
C VAL A 120 2.11 1.77 14.34
N GLY A 121 1.25 0.75 14.49
CA GLY A 121 0.13 0.53 13.56
C GLY A 121 0.39 -0.39 12.39
N CYS A 122 -0.48 -0.31 11.40
CA CYS A 122 -0.56 -1.19 10.31
C CYS A 122 0.52 -0.95 9.21
N ASP A 123 0.81 -2.01 8.45
CA ASP A 123 1.84 -1.93 7.45
C ASP A 123 1.15 -1.27 6.29
N ILE A 124 1.83 -1.25 5.14
CA ILE A 124 1.37 -0.57 3.94
C ILE A 124 0.15 -1.25 3.30
N GLN A 125 0.21 -2.56 3.01
CA GLN A 125 -0.86 -3.27 2.37
C GLN A 125 -2.15 -3.34 3.22
N SER A 126 -2.05 -3.47 4.52
CA SER A 126 -3.28 -3.54 5.25
C SER A 126 -3.87 -2.10 5.34
N SER A 127 -2.99 -1.09 5.37
CA SER A 127 -3.43 0.30 5.39
C SER A 127 -4.10 0.51 4.03
N ALA A 128 -3.47 0.11 2.93
CA ALA A 128 -4.15 0.32 1.64
C ALA A 128 -5.48 -0.42 1.50
N ILE A 129 -5.52 -1.62 2.00
CA ILE A 129 -6.74 -2.36 1.85
C ILE A 129 -7.88 -1.83 2.78
N CYS A 130 -7.53 -1.41 4.00
CA CYS A 130 -8.51 -0.81 4.89
C CYS A 130 -8.96 0.67 4.48
N MET A 131 -8.13 1.36 3.70
CA MET A 131 -8.41 2.70 3.25
C MET A 131 -9.40 2.74 2.10
N ASP A 132 -9.24 1.88 1.12
CA ASP A 132 -10.19 1.81 0.02
C ASP A 132 -11.27 0.84 0.48
N LYS A 133 -12.40 1.44 0.90
CA LYS A 133 -13.52 0.66 1.43
C LYS A 133 -13.86 -0.51 0.54
N SER A 134 -13.91 -0.31 -0.78
CA SER A 134 -14.22 -1.42 -1.72
C SER A 134 -13.12 -2.45 -1.68
N LEU A 135 -11.88 -2.02 -1.47
CA LEU A 135 -10.88 -3.07 -1.27
C LEU A 135 -11.16 -3.87 0.02
N THR A 136 -11.52 -3.22 1.14
CA THR A 136 -11.80 -3.91 2.35
C THR A 136 -12.96 -4.89 2.19
N TYR A 137 -13.99 -4.56 1.40
CA TYR A 137 -15.09 -5.46 1.30
C TYR A 137 -14.67 -6.70 0.50
N ILE A 138 -13.80 -6.48 -0.45
CA ILE A 138 -13.39 -7.60 -1.26
C ILE A 138 -12.57 -8.55 -0.44
N VAL A 139 -11.69 -8.05 0.38
CA VAL A 139 -10.89 -8.93 1.15
C VAL A 139 -11.70 -9.51 2.34
N ALA A 140 -12.60 -8.75 2.92
CA ALA A 140 -13.32 -9.32 4.08
C ALA A 140 -14.25 -10.46 3.61
N LYS A 141 -14.89 -10.22 2.47
CA LYS A 141 -15.79 -11.17 1.86
C LYS A 141 -15.04 -12.42 1.58
N ASN A 142 -13.83 -12.33 1.00
CA ASN A 142 -13.08 -13.52 0.67
C ASN A 142 -12.84 -14.29 1.93
N ALA A 143 -12.68 -13.63 3.04
CA ALA A 143 -12.48 -14.33 4.33
C ALA A 143 -13.84 -14.74 5.07
N GLY A 144 -15.00 -14.59 4.43
CA GLY A 144 -16.20 -15.05 5.08
C GLY A 144 -17.00 -14.02 5.92
N ILE A 145 -16.62 -12.74 5.86
CA ILE A 145 -17.26 -11.69 6.61
C ILE A 145 -18.31 -11.12 5.73
N ALA A 146 -19.51 -10.89 6.24
CA ALA A 146 -20.54 -10.28 5.37
C ALA A 146 -20.20 -8.78 5.14
N THR A 147 -20.67 -8.19 4.08
CA THR A 147 -20.33 -6.89 3.78
C THR A 147 -21.56 -6.29 3.09
N PRO A 148 -21.61 -5.01 2.95
CA PRO A 148 -22.73 -4.43 2.20
C PRO A 148 -22.54 -4.66 0.76
N ALA A 149 -23.59 -4.78 0.04
CA ALA A 149 -23.56 -4.76 -1.39
C ALA A 149 -23.19 -3.32 -1.76
N PHE A 150 -22.40 -3.13 -2.80
CA PHE A 150 -22.03 -1.80 -3.22
C PHE A 150 -21.75 -1.69 -4.71
N TRP A 151 -21.65 -0.47 -5.20
CA TRP A 151 -21.32 -0.16 -6.54
C TRP A 151 -20.23 0.89 -6.51
N VAL A 152 -19.18 0.60 -7.29
CA VAL A 152 -18.04 1.46 -7.52
C VAL A 152 -18.48 2.43 -8.65
N ILE A 153 -18.30 3.74 -8.48
CA ILE A 153 -18.71 4.69 -9.43
C ILE A 153 -17.47 5.44 -9.71
N ASN A 154 -16.89 5.33 -10.91
CA ASN A 154 -15.61 6.00 -11.15
C ASN A 154 -15.89 7.24 -11.75
N LYS A 155 -14.82 8.04 -11.88
CA LYS A 155 -14.86 9.45 -12.25
C LYS A 155 -15.74 9.91 -13.39
N ASP A 156 -15.74 9.13 -14.47
CA ASP A 156 -16.57 9.58 -15.59
C ASP A 156 -17.95 8.89 -15.66
N ASP A 157 -18.30 8.05 -14.66
CA ASP A 157 -19.58 7.37 -14.71
C ASP A 157 -20.74 8.29 -14.43
N ARG A 158 -21.87 8.00 -15.09
CA ARG A 158 -23.08 8.70 -14.84
C ARG A 158 -24.21 7.69 -14.61
N PRO A 159 -24.34 7.20 -13.41
CA PRO A 159 -25.33 6.17 -13.13
C PRO A 159 -26.74 6.74 -13.20
N VAL A 160 -27.73 5.99 -13.71
CA VAL A 160 -29.10 6.38 -13.65
C VAL A 160 -29.58 6.05 -12.22
N ALA A 161 -30.09 7.09 -11.54
CA ALA A 161 -30.59 6.95 -10.18
C ALA A 161 -31.73 5.96 -9.95
N ALA A 162 -32.64 5.89 -10.93
CA ALA A 162 -33.78 5.00 -10.77
C ALA A 162 -33.33 3.56 -10.61
N THR A 163 -32.16 3.19 -11.11
CA THR A 163 -31.67 1.83 -10.91
C THR A 163 -31.67 1.29 -9.50
N PHE A 164 -31.28 2.10 -8.53
CA PHE A 164 -31.16 1.66 -7.17
C PHE A 164 -32.50 1.53 -6.42
N THR A 165 -32.44 0.76 -5.36
CA THR A 165 -33.42 0.64 -4.34
C THR A 165 -32.94 1.60 -3.18
N TYR A 166 -33.75 2.58 -2.77
CA TYR A 166 -33.41 3.48 -1.71
C TYR A 166 -33.83 2.93 -0.35
N PRO A 167 -33.17 3.32 0.75
CA PRO A 167 -32.09 4.28 0.72
C PRO A 167 -30.75 3.67 0.38
N VAL A 168 -29.82 4.56 0.07
CA VAL A 168 -28.52 4.19 -0.39
C VAL A 168 -27.47 5.10 0.30
N PHE A 169 -26.24 4.63 0.49
CA PHE A 169 -25.20 5.50 1.11
C PHE A 169 -24.18 5.82 0.02
N VAL A 170 -23.89 7.09 -0.16
CA VAL A 170 -22.96 7.54 -1.10
C VAL A 170 -21.75 8.02 -0.31
N LYS A 171 -20.57 7.72 -0.84
CA LYS A 171 -19.33 8.08 -0.17
C LYS A 171 -18.14 7.87 -1.06
N PRO A 172 -17.10 8.61 -0.70
CA PRO A 172 -15.78 8.50 -1.31
C PRO A 172 -15.27 7.09 -1.03
N ALA A 173 -14.38 6.53 -1.84
CA ALA A 173 -13.84 5.25 -1.49
C ALA A 173 -12.81 5.38 -0.41
N ARG A 174 -12.04 6.48 -0.47
CA ARG A 174 -10.93 6.59 0.45
C ARG A 174 -10.97 7.81 1.34
N SER A 175 -11.96 7.93 2.21
CA SER A 175 -11.92 9.06 3.09
C SER A 175 -12.24 8.58 4.54
N GLY A 176 -12.68 9.49 5.41
CA GLY A 176 -12.94 9.19 6.80
C GLY A 176 -13.62 10.37 7.42
N SER A 177 -14.04 10.17 8.68
CA SER A 177 -14.74 11.20 9.41
C SER A 177 -16.01 11.68 8.79
N SER A 178 -16.55 10.86 7.93
CA SER A 178 -17.77 11.15 7.21
C SER A 178 -17.63 12.23 6.20
N PHE A 179 -16.44 12.69 5.86
CA PHE A 179 -16.39 13.60 4.77
C PHE A 179 -16.97 12.89 3.56
N GLY A 180 -17.81 13.63 2.85
CA GLY A 180 -18.43 13.11 1.66
C GLY A 180 -19.44 12.00 1.81
N VAL A 181 -19.95 11.69 2.99
CA VAL A 181 -20.88 10.59 3.15
C VAL A 181 -22.33 11.07 3.20
N LYS A 182 -23.29 10.33 2.71
CA LYS A 182 -24.60 10.85 2.89
C LYS A 182 -25.60 9.72 2.67
N LYS A 183 -26.65 9.74 3.47
CA LYS A 183 -27.72 8.80 3.27
C LYS A 183 -28.67 9.43 2.22
N VAL A 184 -28.81 8.76 1.08
CA VAL A 184 -29.68 9.27 0.09
C VAL A 184 -30.96 8.42 0.01
N ASN A 185 -32.07 9.11 0.28
CA ASN A 185 -33.36 8.39 0.38
C ASN A 185 -34.18 8.40 -0.87
N SER A 186 -33.75 9.18 -1.87
CA SER A 186 -34.51 9.15 -3.03
C SER A 186 -33.60 9.47 -4.19
N ALA A 187 -33.92 8.83 -5.30
CA ALA A 187 -33.13 9.00 -6.48
C ALA A 187 -32.80 10.43 -6.84
N ASP A 188 -33.72 11.33 -6.64
CA ASP A 188 -33.44 12.68 -7.08
C ASP A 188 -32.36 13.29 -6.25
N GLU A 189 -31.99 12.67 -5.14
CA GLU A 189 -30.86 13.25 -4.37
C GLU A 189 -29.52 12.62 -4.68
N LEU A 190 -29.53 11.58 -5.52
CA LEU A 190 -28.30 10.88 -5.86
C LEU A 190 -27.19 11.72 -6.40
N ASP A 191 -27.49 12.56 -7.37
CA ASP A 191 -26.47 13.38 -8.00
C ASP A 191 -25.80 14.29 -7.08
N TYR A 192 -26.61 14.91 -6.24
CA TYR A 192 -26.00 15.80 -5.31
C TYR A 192 -24.94 15.03 -4.51
N ALA A 193 -25.28 13.83 -4.04
CA ALA A 193 -24.38 13.12 -3.18
C ALA A 193 -23.14 12.61 -3.93
N ILE A 194 -23.27 12.21 -5.23
CA ILE A 194 -22.10 11.71 -5.96
C ILE A 194 -21.08 12.80 -6.04
N GLU A 195 -21.56 13.98 -6.37
CA GLU A 195 -20.64 15.16 -6.54
C GLU A 195 -19.98 15.61 -5.27
N SER A 196 -20.70 15.53 -4.21
CA SER A 196 -20.18 15.93 -2.97
C SER A 196 -19.09 14.89 -2.57
N ALA A 197 -19.37 13.58 -2.65
CA ALA A 197 -18.31 12.56 -2.43
C ALA A 197 -17.07 12.76 -3.33
N ARG A 198 -17.31 13.16 -4.58
CA ARG A 198 -16.25 13.36 -5.55
C ARG A 198 -15.33 14.48 -5.17
N GLN A 199 -15.66 15.22 -4.13
CA GLN A 199 -14.63 16.10 -3.66
C GLN A 199 -13.53 15.35 -2.93
N TYR A 200 -13.76 14.19 -2.38
CA TYR A 200 -12.65 13.64 -1.62
C TYR A 200 -12.00 12.45 -2.33
N ASP A 201 -12.58 11.99 -3.43
CA ASP A 201 -11.93 10.90 -4.13
C ASP A 201 -12.45 10.90 -5.56
N SER A 202 -11.60 10.61 -6.53
CA SER A 202 -12.09 10.41 -7.86
C SER A 202 -12.85 9.11 -7.88
N LYS A 203 -12.67 8.22 -6.92
CA LYS A 203 -13.56 7.09 -6.91
C LYS A 203 -14.53 7.09 -5.73
N ILE A 204 -15.79 6.74 -5.95
CA ILE A 204 -16.82 6.80 -4.94
C ILE A 204 -17.73 5.57 -4.92
N LEU A 205 -18.28 5.26 -3.74
CA LEU A 205 -19.13 4.15 -3.52
C LEU A 205 -20.62 4.49 -3.28
N ILE A 206 -21.49 3.70 -3.96
CA ILE A 206 -22.89 3.65 -3.64
C ILE A 206 -23.10 2.30 -2.86
N GLU A 207 -23.59 2.37 -1.61
CA GLU A 207 -23.78 1.14 -0.84
C GLU A 207 -25.28 0.86 -0.48
N GLN A 208 -25.58 -0.41 -0.32
CA GLN A 208 -26.91 -0.80 0.13
C GLN A 208 -27.04 -0.30 1.56
N ALA A 209 -28.12 0.40 1.87
CA ALA A 209 -28.29 0.73 3.28
C ALA A 209 -28.23 -0.55 4.12
N VAL A 210 -27.40 -0.64 5.13
CA VAL A 210 -27.39 -1.85 5.92
C VAL A 210 -28.15 -1.58 7.23
N SER A 211 -29.06 -2.43 7.60
CA SER A 211 -29.87 -2.06 8.75
C SER A 211 -29.26 -2.43 10.11
N GLY A 212 -29.75 -1.82 11.16
CA GLY A 212 -29.26 -2.24 12.48
C GLY A 212 -28.60 -1.14 13.25
N CYS A 213 -27.64 -1.45 14.08
CA CYS A 213 -26.96 -0.39 14.73
C CYS A 213 -25.49 -0.69 14.53
N GLU A 214 -24.70 0.38 14.73
CA GLU A 214 -23.31 0.31 14.54
C GLU A 214 -22.73 -0.15 15.79
N VAL A 215 -21.95 -1.22 15.72
CA VAL A 215 -21.22 -1.71 16.91
C VAL A 215 -19.75 -1.73 16.55
N GLY A 216 -18.92 -1.09 17.37
CA GLY A 216 -17.51 -1.05 17.01
C GLY A 216 -16.62 -1.83 17.92
N CYS A 217 -15.38 -2.04 17.53
CA CYS A 217 -14.50 -2.73 18.46
C CYS A 217 -13.08 -2.27 18.38
N ALA A 218 -12.51 -1.74 19.47
CA ALA A 218 -11.09 -1.38 19.53
C ALA A 218 -10.19 -2.61 19.70
N VAL A 219 -9.27 -2.79 18.72
CA VAL A 219 -8.30 -3.91 18.69
C VAL A 219 -6.83 -3.48 18.93
N LEU A 220 -6.09 -4.31 19.66
CA LEU A 220 -4.77 -3.90 20.06
C LEU A 220 -3.90 -5.11 20.02
N GLY A 221 -2.81 -4.97 19.30
CA GLY A 221 -1.94 -6.07 19.20
C GLY A 221 -1.44 -6.31 17.80
N ASN A 222 -0.54 -7.26 17.78
CA ASN A 222 0.12 -7.75 16.60
C ASN A 222 -0.19 -9.19 16.31
N SER A 223 -0.76 -9.49 15.18
CA SER A 223 -0.92 -10.92 14.78
C SER A 223 -1.16 -11.89 15.90
N ALA A 224 -2.39 -12.32 16.11
CA ALA A 224 -2.60 -13.31 17.16
C ALA A 224 -3.04 -12.86 18.56
N ALA A 225 -2.09 -12.30 19.33
CA ALA A 225 -2.22 -11.98 20.78
C ALA A 225 -3.23 -10.85 21.25
N LEU A 226 -4.02 -10.39 20.30
CA LEU A 226 -5.03 -9.34 20.39
C LEU A 226 -5.73 -8.96 21.72
N VAL A 227 -5.76 -7.71 22.05
CA VAL A 227 -6.55 -7.29 23.17
C VAL A 227 -7.63 -6.51 22.51
N VAL A 228 -8.82 -6.54 23.13
CA VAL A 228 -9.93 -5.75 22.68
C VAL A 228 -10.53 -4.88 23.78
N GLY A 229 -11.15 -3.74 23.41
CA GLY A 229 -11.81 -2.92 24.41
C GLY A 229 -13.23 -3.40 24.60
N GLU A 230 -14.06 -2.61 25.26
CA GLU A 230 -15.48 -2.93 25.42
C GLU A 230 -16.21 -2.58 24.13
N VAL A 231 -17.15 -3.39 23.69
CA VAL A 231 -17.84 -2.99 22.50
C VAL A 231 -18.62 -1.69 22.70
N ASP A 232 -18.55 -0.77 21.73
CA ASP A 232 -19.33 0.47 21.80
C ASP A 232 -20.55 0.25 20.90
N GLN A 233 -21.49 1.17 20.86
CA GLN A 233 -22.74 0.95 20.11
C GLN A 233 -23.37 2.28 19.83
N ILE A 234 -23.69 2.58 18.57
CA ILE A 234 -24.31 3.83 18.16
C ILE A 234 -25.74 3.65 17.64
N ARG A 235 -26.60 4.44 18.24
CA ARG A 235 -27.98 4.57 17.86
C ARG A 235 -28.14 5.98 17.29
N LEU A 236 -28.85 6.06 16.17
CA LEU A 236 -29.02 7.30 15.49
C LEU A 236 -30.51 7.65 15.44
N GLN A 237 -30.89 8.93 15.61
CA GLN A 237 -32.29 9.25 15.53
C GLN A 237 -32.69 9.58 14.09
N TYR A 238 -31.72 9.98 13.26
CA TYR A 238 -31.88 10.15 11.85
C TYR A 238 -30.46 10.33 11.32
N GLY A 239 -30.33 10.54 10.02
CA GLY A 239 -29.04 10.74 9.39
C GLY A 239 -27.91 9.73 9.56
N ILE A 240 -26.68 10.17 9.78
CA ILE A 240 -25.61 9.21 9.82
C ILE A 240 -24.71 9.64 10.94
N PHE A 241 -23.82 8.77 11.43
CA PHE A 241 -22.86 9.19 12.46
C PHE A 241 -21.82 10.04 11.71
N ARG A 242 -21.65 11.28 12.16
CA ARG A 242 -20.71 12.18 11.58
C ARG A 242 -20.31 13.20 12.59
N ILE A 243 -20.05 12.73 13.79
CA ILE A 243 -19.67 13.54 14.89
C ILE A 243 -18.59 14.62 14.61
N HIS A 244 -17.52 14.36 13.89
CA HIS A 244 -16.46 15.38 13.64
C HIS A 244 -16.92 16.53 12.75
N GLN A 245 -18.03 16.31 12.07
CA GLN A 245 -18.54 17.31 11.21
C GLN A 245 -19.53 18.22 11.92
N GLU A 246 -19.85 17.94 13.21
CA GLU A 246 -20.98 18.63 13.90
C GLU A 246 -20.57 19.97 14.59
N VAL A 247 -21.54 20.76 15.05
CA VAL A 247 -21.16 21.92 15.81
C VAL A 247 -20.59 21.42 17.13
N GLU A 248 -19.43 21.92 17.49
CA GLU A 248 -18.81 21.64 18.75
C GLU A 248 -19.00 20.22 19.23
N PRO A 249 -18.39 19.25 18.56
CA PRO A 249 -18.58 17.83 18.90
C PRO A 249 -18.18 17.48 20.29
N GLU A 250 -17.24 18.19 20.89
CA GLU A 250 -16.82 17.85 22.27
C GLU A 250 -18.08 17.97 23.16
N LYS A 251 -19.10 18.65 22.67
CA LYS A 251 -20.24 18.82 23.54
C LYS A 251 -21.26 17.79 23.34
N GLY A 252 -20.97 16.87 22.43
CA GLY A 252 -21.93 15.85 22.07
C GLY A 252 -22.53 15.96 20.67
N SER A 253 -23.13 14.85 20.24
CA SER A 253 -23.83 14.76 18.99
C SER A 253 -25.26 15.18 19.05
N GLU A 254 -25.72 15.66 17.93
CA GLU A 254 -27.08 16.02 17.81
C GLU A 254 -27.99 14.83 17.47
N ASN A 255 -27.50 13.80 16.80
CA ASN A 255 -28.45 12.83 16.27
C ASN A 255 -28.03 11.44 16.71
N ALA A 256 -26.87 11.35 17.32
CA ALA A 256 -26.29 10.08 17.63
C ALA A 256 -26.12 9.89 19.11
N VAL A 257 -26.40 8.70 19.67
CA VAL A 257 -25.99 8.37 21.02
C VAL A 257 -25.21 7.10 20.95
N ILE A 258 -24.15 7.04 21.71
CA ILE A 258 -23.24 5.94 21.73
C ILE A 258 -23.23 5.30 23.09
N THR A 259 -23.30 3.99 23.24
CA THR A 259 -23.23 3.42 24.56
C THR A 259 -22.10 2.44 24.68
N VAL A 260 -21.42 2.51 25.79
CA VAL A 260 -20.33 1.58 26.02
C VAL A 260 -20.31 1.26 27.47
N PRO A 261 -20.23 0.00 27.82
CA PRO A 261 -20.31 -1.07 26.84
C PRO A 261 -21.63 -1.01 26.13
N ALA A 262 -21.74 -1.67 24.98
CA ALA A 262 -23.02 -1.72 24.29
C ALA A 262 -24.05 -2.46 25.14
N ASP A 263 -25.29 -2.11 24.91
CA ASP A 263 -26.39 -2.68 25.62
C ASP A 263 -26.80 -3.96 24.88
N LEU A 264 -25.98 -5.00 25.07
CA LEU A 264 -26.17 -6.29 24.46
C LEU A 264 -25.62 -7.32 25.46
N SER A 265 -26.06 -8.58 25.31
CA SER A 265 -25.70 -9.64 26.23
C SER A 265 -24.23 -9.82 26.22
N ALA A 266 -23.73 -10.45 27.26
CA ALA A 266 -22.29 -10.63 27.32
C ALA A 266 -21.86 -11.56 26.15
N GLU A 267 -22.72 -12.49 25.82
CA GLU A 267 -22.41 -13.36 24.72
C GLU A 267 -22.46 -12.63 23.39
N GLU A 268 -23.40 -11.69 23.20
CA GLU A 268 -23.36 -10.97 21.93
C GLU A 268 -22.13 -10.03 21.82
N ARG A 269 -21.70 -9.50 22.94
CA ARG A 269 -20.58 -8.60 22.91
C ARG A 269 -19.28 -9.34 22.57
N GLY A 270 -19.17 -10.57 23.03
CA GLY A 270 -17.95 -11.33 22.89
C GLY A 270 -17.80 -11.79 21.47
N ARG A 271 -18.96 -12.05 20.87
CA ARG A 271 -19.15 -12.53 19.54
C ARG A 271 -18.77 -11.47 18.51
N ILE A 272 -19.05 -10.23 18.87
CA ILE A 272 -18.73 -9.08 18.03
C ILE A 272 -17.24 -8.88 18.21
N GLN A 273 -16.74 -9.11 19.39
CA GLN A 273 -15.32 -8.89 19.59
C GLN A 273 -14.58 -9.96 18.83
N GLU A 274 -15.21 -11.14 18.66
CA GLU A 274 -14.52 -12.23 17.99
C GLU A 274 -14.62 -11.98 16.49
N THR A 275 -15.75 -11.46 16.06
CA THR A 275 -15.83 -11.11 14.66
C THR A 275 -14.75 -9.99 14.39
N VAL A 276 -14.69 -9.00 15.26
CA VAL A 276 -13.73 -7.98 15.11
C VAL A 276 -12.32 -8.56 14.89
N LYS A 277 -11.99 -9.53 15.70
CA LYS A 277 -10.70 -10.20 15.67
C LYS A 277 -10.43 -10.94 14.38
N LYS A 278 -11.45 -11.59 13.90
CA LYS A 278 -11.28 -12.29 12.63
C LYS A 278 -11.07 -11.26 11.43
N ILE A 279 -11.75 -10.15 11.50
CA ILE A 279 -11.59 -9.13 10.48
C ILE A 279 -10.15 -8.56 10.49
N TYR A 280 -9.64 -8.41 11.68
CA TYR A 280 -8.36 -7.82 11.89
C TYR A 280 -7.28 -8.69 11.32
N LYS A 281 -7.27 -9.99 11.69
CA LYS A 281 -6.31 -10.95 11.13
C LYS A 281 -6.50 -11.11 9.58
N THR A 282 -7.73 -11.24 9.13
CA THR A 282 -8.03 -11.45 7.75
C THR A 282 -7.53 -10.34 6.93
N LEU A 283 -7.44 -9.12 7.50
CA LEU A 283 -6.89 -7.96 6.82
C LEU A 283 -5.40 -7.76 7.10
N GLY A 284 -4.81 -8.47 8.02
CA GLY A 284 -3.34 -8.36 8.15
C GLY A 284 -2.92 -7.10 8.84
N CYS A 285 -3.81 -6.59 9.67
CA CYS A 285 -3.55 -5.48 10.52
C CYS A 285 -2.58 -5.80 11.65
N ARG A 286 -2.01 -4.74 12.27
CA ARG A 286 -1.10 -4.85 13.41
C ARG A 286 -0.98 -3.56 14.14
N GLY A 287 -0.65 -3.66 15.43
CA GLY A 287 -0.59 -2.45 16.18
C GLY A 287 -1.94 -2.15 16.74
N LEU A 288 -2.76 -1.59 15.87
CA LEU A 288 -4.09 -1.26 16.31
C LEU A 288 -4.96 -1.08 15.12
N ALA A 289 -6.26 -1.10 15.41
CA ALA A 289 -7.29 -0.61 14.50
C ALA A 289 -8.65 -0.55 15.22
N ARG A 290 -9.59 0.16 14.63
CA ARG A 290 -10.92 0.09 15.18
C ARG A 290 -11.73 -0.55 14.10
N VAL A 291 -12.33 -1.67 14.44
CA VAL A 291 -13.20 -2.39 13.53
C VAL A 291 -14.65 -2.00 13.79
N ASP A 292 -15.27 -1.36 12.80
CA ASP A 292 -16.64 -0.91 12.87
C ASP A 292 -17.58 -1.81 12.13
N MET A 293 -18.65 -2.20 12.80
CA MET A 293 -19.57 -3.14 12.24
C MET A 293 -21.02 -2.70 12.32
N PHE A 294 -21.90 -3.46 11.65
CA PHE A 294 -23.32 -3.28 11.85
C PHE A 294 -23.88 -4.56 12.49
N LEU A 295 -24.71 -4.44 13.54
CA LEU A 295 -25.40 -5.62 14.10
C LEU A 295 -26.78 -5.51 13.59
N GLN A 296 -27.18 -6.48 12.80
CA GLN A 296 -28.55 -6.46 12.24
C GLN A 296 -29.54 -7.11 13.24
N ASP A 297 -30.85 -6.97 13.03
CA ASP A 297 -31.84 -7.59 13.93
C ASP A 297 -31.78 -9.13 13.97
N ASN A 298 -31.46 -9.65 12.83
CA ASN A 298 -31.26 -11.04 12.57
C ASN A 298 -30.02 -11.53 13.31
N GLY A 299 -29.34 -10.55 13.93
CA GLY A 299 -28.16 -10.84 14.73
C GLY A 299 -26.88 -11.00 13.90
N ARG A 300 -27.01 -10.74 12.61
CA ARG A 300 -25.87 -10.88 11.73
C ARG A 300 -25.02 -9.63 11.84
N ILE A 301 -23.72 -9.89 11.86
CA ILE A 301 -22.70 -8.90 11.87
C ILE A 301 -22.12 -8.60 10.48
N VAL A 302 -22.26 -7.34 10.04
CA VAL A 302 -21.77 -6.89 8.76
C VAL A 302 -20.64 -5.86 8.86
N LEU A 303 -19.58 -5.99 8.06
CA LEU A 303 -18.49 -5.01 8.21
C LEU A 303 -18.98 -3.66 7.74
N ASN A 304 -18.71 -2.63 8.51
CA ASN A 304 -18.91 -1.22 8.01
C ASN A 304 -17.56 -0.79 7.39
N GLU A 305 -16.55 -0.69 8.23
CA GLU A 305 -15.22 -0.34 7.77
C GLU A 305 -14.16 -0.53 8.89
N VAL A 306 -12.90 -0.37 8.56
CA VAL A 306 -11.89 -0.54 9.56
C VAL A 306 -11.04 0.69 9.49
N ASN A 307 -10.86 1.37 10.64
CA ASN A 307 -10.03 2.58 10.73
C ASN A 307 -8.71 2.26 11.41
N THR A 308 -7.76 2.26 10.54
CA THR A 308 -6.49 1.72 10.83
C THR A 308 -5.76 2.67 11.81
N LEU A 309 -5.87 4.02 11.62
CA LEU A 309 -5.32 4.89 12.64
C LEU A 309 -6.55 5.63 13.17
N PRO A 310 -7.26 5.09 14.16
CA PRO A 310 -8.48 5.71 14.69
C PRO A 310 -8.26 7.06 15.35
N GLY A 311 -9.35 7.88 15.44
CA GLY A 311 -9.14 9.14 16.16
C GLY A 311 -8.84 8.94 17.63
N PHE A 312 -8.02 9.83 18.15
CA PHE A 312 -7.65 9.84 19.53
C PHE A 312 -8.15 11.12 20.21
N THR A 313 -9.10 11.87 19.60
CA THR A 313 -9.64 13.01 20.26
C THR A 313 -10.31 12.55 21.55
N SER A 314 -10.66 13.56 22.30
CA SER A 314 -11.24 13.38 23.59
C SER A 314 -12.68 12.84 23.53
N TYR A 315 -13.35 12.90 22.39
CA TYR A 315 -14.66 12.27 22.32
C TYR A 315 -14.57 11.09 21.29
N SER A 316 -13.36 10.54 21.04
CA SER A 316 -13.19 9.43 20.07
C SER A 316 -13.66 8.04 20.59
N ARG A 317 -13.99 7.14 19.67
CA ARG A 317 -14.52 5.85 20.02
C ARG A 317 -13.47 4.94 20.55
N TYR A 318 -12.33 5.00 19.86
CA TYR A 318 -11.32 4.02 20.24
C TYR A 318 -10.80 4.18 21.67
N PRO A 319 -10.28 5.33 22.07
CA PRO A 319 -9.73 5.48 23.42
C PRO A 319 -10.82 5.20 24.46
N ARG A 320 -12.04 5.54 24.09
CA ARG A 320 -13.08 5.38 25.03
C ARG A 320 -13.38 3.91 25.24
N MET A 321 -13.25 3.08 24.19
CA MET A 321 -13.55 1.67 24.36
C MET A 321 -12.44 1.09 25.23
N MET A 322 -11.21 1.52 24.98
CA MET A 322 -10.12 0.91 25.74
C MET A 322 -10.25 1.28 27.19
N ALA A 323 -10.61 2.53 27.36
CA ALA A 323 -10.71 3.06 28.68
C ALA A 323 -11.83 2.31 29.39
N ALA A 324 -12.90 1.96 28.68
CA ALA A 324 -13.95 1.25 29.41
C ALA A 324 -13.40 -0.11 29.81
N ALA A 325 -12.41 -0.65 29.12
CA ALA A 325 -11.83 -1.93 29.51
C ALA A 325 -10.65 -1.76 30.48
N GLY A 326 -10.54 -0.57 31.01
CA GLY A 326 -9.48 -0.35 31.95
C GLY A 326 -8.15 0.10 31.40
N ILE A 327 -8.04 0.43 30.11
CA ILE A 327 -6.72 0.88 29.61
C ILE A 327 -6.89 2.36 29.26
N SER A 328 -6.34 3.24 30.07
CA SER A 328 -6.54 4.63 29.69
C SER A 328 -5.36 5.07 28.86
N LEU A 329 -5.51 6.26 28.25
CA LEU A 329 -4.60 6.78 27.23
C LEU A 329 -3.09 6.70 27.50
N PRO A 330 -2.61 7.11 28.66
CA PRO A 330 -1.17 6.95 28.95
C PRO A 330 -0.65 5.54 28.69
N GLU A 331 -1.44 4.62 29.15
CA GLU A 331 -1.13 3.21 28.94
C GLU A 331 -1.26 2.74 27.48
N LEU A 332 -2.33 3.13 26.80
CA LEU A 332 -2.54 2.66 25.42
C LEU A 332 -1.36 3.10 24.52
N ILE A 333 -0.97 4.34 24.78
CA ILE A 333 0.08 4.95 24.07
C ILE A 333 1.30 4.13 24.29
N ASP A 334 1.50 3.73 25.52
CA ASP A 334 2.70 2.99 25.85
C ASP A 334 2.53 1.60 25.23
N ARG A 335 1.35 1.00 25.33
CA ARG A 335 1.27 -0.32 24.70
C ARG A 335 1.57 -0.29 23.16
N LEU A 336 1.14 0.82 22.53
CA LEU A 336 1.31 0.96 21.13
C LEU A 336 2.79 1.10 20.78
N ILE A 337 3.49 1.96 21.48
CA ILE A 337 4.89 2.13 21.22
C ILE A 337 5.64 0.83 21.50
N VAL A 338 5.36 0.21 22.63
CA VAL A 338 6.01 -1.08 22.94
C VAL A 338 5.73 -2.07 21.80
N LEU A 339 4.48 -2.13 21.35
CA LEU A 339 4.19 -3.03 20.26
C LEU A 339 5.09 -2.75 19.02
N ALA A 340 5.34 -1.46 18.75
CA ALA A 340 6.11 -0.97 17.59
C ALA A 340 7.62 -1.40 17.72
N LEU A 341 8.02 -1.44 19.01
CA LEU A 341 9.39 -1.86 19.54
C LEU A 341 9.49 -3.47 19.55
N LYS A 342 8.60 -4.32 20.14
CA LYS A 342 8.47 -5.80 19.66
C LYS A 342 8.98 -6.42 18.28
N ASN B 2 15.49 23.55 -21.45
CA ASN B 2 15.49 23.07 -20.05
C ASN B 2 15.05 21.67 -19.89
N ARG B 3 15.98 20.82 -19.47
CA ARG B 3 15.70 19.40 -19.40
C ARG B 3 14.85 19.05 -18.20
N ILE B 4 13.99 18.04 -18.36
CA ILE B 4 13.10 17.63 -17.32
C ILE B 4 13.97 16.82 -16.38
N LYS B 5 13.95 17.15 -15.11
CA LYS B 5 14.82 16.46 -14.12
C LYS B 5 14.17 15.21 -13.60
N VAL B 6 14.72 14.05 -14.03
CA VAL B 6 14.21 12.73 -13.71
C VAL B 6 15.04 12.01 -12.64
N ALA B 7 14.55 11.92 -11.42
CA ALA B 7 15.17 11.01 -10.44
C ALA B 7 14.88 9.53 -10.81
N ILE B 8 15.95 8.78 -10.93
CA ILE B 8 15.93 7.37 -11.26
C ILE B 8 16.53 6.65 -10.12
N LEU B 9 15.68 5.95 -9.41
CA LEU B 9 16.04 5.23 -8.21
C LEU B 9 16.33 3.77 -8.56
N PHE B 10 17.38 3.18 -7.94
CA PHE B 10 17.73 1.80 -8.19
C PHE B 10 18.51 1.18 -7.05
N GLY B 11 18.59 -0.13 -7.14
CA GLY B 11 19.22 -0.91 -6.10
C GLY B 11 18.23 -1.42 -5.09
N GLY B 12 18.26 -0.84 -3.92
CA GLY B 12 17.26 -1.05 -2.88
C GLY B 12 17.69 -2.07 -1.88
N CYS B 13 17.03 -2.02 -0.73
CA CYS B 13 17.15 -3.01 0.33
C CYS B 13 16.15 -4.10 0.04
N SER B 14 16.64 -5.03 -0.76
CA SER B 14 15.86 -6.06 -1.38
C SER B 14 16.72 -7.12 -2.12
N GLU B 15 16.36 -8.38 -1.95
CA GLU B 15 16.94 -9.42 -2.71
C GLU B 15 16.95 -9.17 -4.24
N GLU B 16 16.15 -8.28 -4.83
CA GLU B 16 16.26 -8.16 -6.30
C GLU B 16 17.19 -7.03 -6.64
N HIS B 17 17.85 -6.54 -5.60
CA HIS B 17 18.78 -5.48 -5.76
C HIS B 17 19.57 -5.50 -7.09
N ASP B 18 20.14 -6.63 -7.46
CA ASP B 18 21.00 -6.66 -8.61
C ASP B 18 20.27 -6.62 -9.92
N VAL B 19 19.12 -7.29 -9.96
CA VAL B 19 18.35 -7.17 -11.13
C VAL B 19 18.07 -5.67 -11.26
N SER B 20 17.79 -5.03 -10.15
CA SER B 20 17.44 -3.60 -10.22
C SER B 20 18.57 -2.69 -10.81
N VAL B 21 19.77 -2.96 -10.34
CA VAL B 21 20.94 -2.30 -10.84
C VAL B 21 21.02 -2.59 -12.38
N LYS B 22 20.83 -3.82 -12.77
CA LYS B 22 20.88 -3.96 -14.19
C LYS B 22 19.73 -3.25 -14.85
N SER B 23 18.52 -3.22 -14.28
CA SER B 23 17.42 -2.51 -14.94
C SER B 23 17.80 -1.07 -15.20
N ALA B 24 18.45 -0.50 -14.19
CA ALA B 24 18.86 0.87 -14.19
C ALA B 24 19.97 1.20 -15.21
N ILE B 25 20.83 0.18 -15.48
CA ILE B 25 21.96 0.45 -16.35
C ILE B 25 21.43 0.55 -17.76
N GLU B 26 20.42 -0.23 -18.11
CA GLU B 26 19.83 -0.05 -19.41
C GLU B 26 18.98 1.20 -19.53
N ILE B 27 18.29 1.63 -18.45
CA ILE B 27 17.48 2.88 -18.52
C ILE B 27 18.44 4.06 -18.78
N ALA B 28 19.43 4.18 -17.93
CA ALA B 28 20.49 5.15 -18.13
C ALA B 28 20.99 5.14 -19.56
N ALA B 29 21.30 3.98 -20.13
CA ALA B 29 21.85 3.95 -21.50
C ALA B 29 20.91 4.28 -22.65
N ASN B 30 19.65 4.57 -22.30
CA ASN B 30 18.66 4.86 -23.31
C ASN B 30 17.85 6.05 -23.07
N ILE B 31 17.81 6.57 -21.88
CA ILE B 31 16.90 7.71 -21.78
C ILE B 31 17.50 8.84 -22.66
N ASN B 32 16.69 9.59 -23.36
CA ASN B 32 17.15 10.74 -24.10
C ASN B 32 17.65 11.95 -23.20
N LYS B 33 18.95 12.19 -23.15
CA LYS B 33 19.55 13.22 -22.27
C LYS B 33 19.45 14.69 -22.78
N GLU B 34 18.92 14.81 -24.01
CA GLU B 34 18.60 16.13 -24.57
C GLU B 34 17.29 16.60 -24.01
N LYS B 35 16.48 15.64 -23.58
CA LYS B 35 15.19 16.00 -23.04
C LYS B 35 15.09 15.83 -21.54
N TYR B 36 15.94 14.99 -21.01
CA TYR B 36 15.81 14.66 -19.62
C TYR B 36 17.17 14.82 -19.01
N GLU B 37 17.18 15.21 -17.76
CA GLU B 37 18.41 15.29 -17.03
C GLU B 37 18.23 14.33 -15.89
N PRO B 38 18.84 13.18 -15.99
CA PRO B 38 18.63 12.13 -14.99
C PRO B 38 19.46 12.30 -13.73
N LEU B 39 18.86 12.08 -12.58
CA LEU B 39 19.58 12.16 -11.36
C LEU B 39 19.64 10.68 -10.86
N TYR B 40 20.77 10.00 -10.74
CA TYR B 40 20.79 8.61 -10.32
C TYR B 40 20.88 8.45 -8.84
N ILE B 41 19.78 7.96 -8.24
CA ILE B 41 19.75 7.66 -6.81
C ILE B 41 19.87 6.16 -6.47
N GLY B 42 21.05 5.73 -6.13
CA GLY B 42 21.27 4.36 -5.79
C GLY B 42 20.85 4.14 -4.38
N ILE B 43 20.21 3.03 -4.08
CA ILE B 43 19.97 2.69 -2.71
C ILE B 43 20.78 1.44 -2.38
N THR B 44 21.69 1.57 -1.44
CA THR B 44 22.44 0.32 -1.13
C THR B 44 21.58 -0.75 -0.54
N LYS B 45 22.22 -1.90 -0.44
CA LYS B 45 21.57 -3.05 0.06
C LYS B 45 21.31 -2.86 1.49
N SER B 46 22.01 -1.99 2.12
CA SER B 46 21.65 -1.85 3.48
C SER B 46 20.69 -0.64 3.69
N GLY B 47 20.16 -0.12 2.59
CA GLY B 47 19.22 0.98 2.69
C GLY B 47 19.76 2.37 2.81
N VAL B 48 20.96 2.58 2.30
CA VAL B 48 21.54 3.93 2.36
C VAL B 48 21.32 4.62 0.99
N TRP B 49 20.90 5.87 1.03
CA TRP B 49 20.64 6.56 -0.23
C TRP B 49 21.79 7.41 -0.76
N LYS B 50 22.16 7.20 -2.02
CA LYS B 50 23.24 8.00 -2.60
C LYS B 50 23.01 8.57 -4.00
N MET B 51 23.42 9.81 -4.24
CA MET B 51 23.31 10.26 -5.57
C MET B 51 24.65 9.89 -6.23
N CYS B 52 24.59 9.27 -7.39
CA CYS B 52 25.82 9.00 -8.14
C CYS B 52 25.73 9.50 -9.56
N GLU B 53 26.79 9.19 -10.27
CA GLU B 53 26.97 9.66 -11.63
C GLU B 53 26.17 8.84 -12.61
N LYS B 54 26.25 7.53 -12.48
CA LYS B 54 25.46 6.69 -13.34
C LYS B 54 25.31 5.34 -12.70
N PRO B 55 24.32 4.59 -13.12
CA PRO B 55 24.19 3.26 -12.60
C PRO B 55 25.24 2.32 -13.24
N CYS B 56 25.79 1.39 -12.46
CA CYS B 56 26.81 0.44 -12.94
C CYS B 56 27.04 -0.54 -11.83
N ALA B 57 27.72 -1.66 -12.08
CA ALA B 57 27.99 -2.54 -10.94
C ALA B 57 28.98 -1.93 -9.90
N GLU B 58 29.77 -0.96 -10.30
CA GLU B 58 30.61 -0.24 -9.31
C GLU B 58 30.02 1.15 -8.99
N TRP B 59 28.68 1.24 -8.94
CA TRP B 59 28.00 2.55 -8.73
C TRP B 59 28.37 3.15 -7.42
N GLU B 60 28.58 2.31 -6.41
CA GLU B 60 28.96 2.91 -5.14
C GLU B 60 30.44 3.32 -5.18
N ASN B 61 30.66 4.62 -5.02
CA ASN B 61 31.96 5.29 -5.18
C ASN B 61 32.10 6.66 -4.41
N GLU B 62 33.34 7.06 -4.17
CA GLU B 62 33.64 8.22 -3.34
C GLU B 62 32.88 9.44 -3.79
N ASN B 63 32.72 9.56 -5.11
CA ASN B 63 31.94 10.65 -5.71
C ASN B 63 30.47 10.70 -5.36
N CYS B 64 29.87 9.58 -4.98
CA CYS B 64 28.48 9.66 -4.64
C CYS B 64 28.39 10.44 -3.35
N TYR B 65 27.19 10.90 -3.02
CA TYR B 65 26.98 11.56 -1.74
C TYR B 65 25.54 11.47 -1.26
N SER B 66 25.38 11.69 0.02
CA SER B 66 24.13 11.49 0.71
C SER B 66 23.04 12.27 0.02
N ALA B 67 21.95 11.59 -0.29
CA ALA B 67 20.91 12.20 -1.10
C ALA B 67 19.60 11.51 -0.85
N VAL B 68 18.69 12.09 -0.13
CA VAL B 68 17.40 11.42 -0.10
C VAL B 68 16.31 12.19 -0.81
N LEU B 69 15.26 11.46 -1.14
CA LEU B 69 14.02 12.06 -1.58
C LEU B 69 13.27 12.57 -0.33
N SER B 70 12.85 13.83 -0.32
CA SER B 70 12.14 14.36 0.81
C SER B 70 10.62 14.14 0.67
N PRO B 71 9.92 13.95 1.78
CA PRO B 71 8.46 13.81 1.78
C PRO B 71 7.67 15.12 1.59
N ASP B 72 8.37 16.22 1.80
CA ASP B 72 7.81 17.59 1.85
C ASP B 72 7.38 18.10 0.44
N LYS B 73 6.14 18.50 0.37
CA LYS B 73 5.65 18.92 -0.90
C LYS B 73 6.25 20.18 -1.43
N LYS B 74 6.56 21.17 -0.61
CA LYS B 74 7.19 22.40 -1.12
C LYS B 74 8.63 22.10 -1.60
N MET B 75 9.39 21.23 -0.92
CA MET B 75 10.65 20.84 -1.50
C MET B 75 10.51 20.11 -2.81
N HIS B 76 9.54 19.26 -2.90
CA HIS B 76 9.33 18.60 -4.17
C HIS B 76 10.66 18.15 -4.80
N GLY B 77 11.47 17.41 -4.03
CA GLY B 77 12.78 17.07 -4.50
C GLY B 77 13.66 16.30 -3.56
N LEU B 78 14.98 16.40 -3.77
CA LEU B 78 15.96 15.72 -2.94
C LEU B 78 16.60 16.68 -1.91
N LEU B 79 17.17 16.11 -0.85
CA LEU B 79 17.95 16.82 0.12
C LEU B 79 19.28 16.15 -0.12
N VAL B 80 20.20 16.88 -0.72
CA VAL B 80 21.49 16.38 -1.15
C VAL B 80 22.68 17.00 -0.34
N LYS B 81 23.69 16.23 -0.02
CA LYS B 81 24.83 16.75 0.68
C LYS B 81 26.01 16.63 -0.31
N LYS B 82 26.30 17.67 -1.08
CA LYS B 82 27.42 17.59 -2.02
C LYS B 82 28.68 18.23 -1.40
N ASN B 83 28.50 19.36 -0.70
CA ASN B 83 29.57 20.10 -0.02
C ASN B 83 29.60 19.62 1.45
N HIS B 84 29.53 20.56 2.39
CA HIS B 84 29.40 20.16 3.77
C HIS B 84 27.92 20.30 4.11
N GLU B 85 27.08 20.71 3.17
CA GLU B 85 25.67 20.98 3.52
C GLU B 85 24.58 20.30 2.70
N TYR B 86 23.52 19.88 3.38
CA TYR B 86 22.34 19.33 2.69
C TYR B 86 21.65 20.42 1.94
N GLU B 87 21.53 20.26 0.64
CA GLU B 87 20.72 21.19 -0.11
C GLU B 87 19.53 20.50 -0.88
N ILE B 88 18.54 21.31 -1.18
CA ILE B 88 17.32 20.87 -1.76
C ILE B 88 17.49 20.96 -3.24
N ASN B 89 17.34 19.82 -3.93
CA ASN B 89 17.29 19.88 -5.39
C ASN B 89 16.01 19.38 -6.01
N HIS B 90 15.39 20.30 -6.73
CA HIS B 90 14.15 20.00 -7.41
C HIS B 90 14.06 18.77 -8.32
N VAL B 91 12.97 18.03 -8.29
CA VAL B 91 12.86 16.94 -9.25
C VAL B 91 11.59 17.14 -9.98
N ASP B 92 11.57 17.01 -11.31
CA ASP B 92 10.27 17.19 -12.04
C ASP B 92 9.42 15.92 -12.00
N VAL B 93 10.11 14.76 -12.06
CA VAL B 93 9.49 13.50 -12.13
C VAL B 93 10.44 12.37 -11.62
N ALA B 94 9.84 11.30 -11.11
CA ALA B 94 10.58 10.20 -10.47
C ALA B 94 10.20 8.84 -11.17
N PHE B 95 11.22 8.05 -11.46
CA PHE B 95 11.02 6.83 -12.19
C PHE B 95 11.75 5.87 -11.29
N SER B 96 11.06 5.08 -10.50
CA SER B 96 11.85 4.17 -9.67
C SER B 96 12.09 2.90 -10.43
N ALA B 97 13.26 2.29 -10.25
CA ALA B 97 13.58 1.05 -10.95
C ALA B 97 13.86 0.03 -9.90
N LEU B 98 13.51 0.35 -8.67
CA LEU B 98 13.62 -0.70 -7.66
C LEU B 98 12.73 -1.88 -8.03
N HIS B 99 13.11 -3.10 -7.66
CA HIS B 99 12.17 -4.22 -7.80
C HIS B 99 11.91 -4.88 -6.46
N GLY B 100 10.73 -5.45 -6.27
CA GLY B 100 10.39 -6.18 -5.10
C GLY B 100 10.28 -5.34 -3.85
N LYS B 101 10.74 -5.92 -2.76
CA LYS B 101 10.74 -5.20 -1.49
C LYS B 101 11.34 -3.79 -1.54
N SER B 102 10.52 -2.88 -1.05
CA SER B 102 10.78 -1.45 -0.94
C SER B 102 10.28 -0.75 -2.19
N GLY B 103 10.47 -1.41 -3.30
CA GLY B 103 10.17 -0.83 -4.60
C GLY B 103 8.86 -1.08 -5.32
N GLU B 104 8.38 -2.30 -5.28
CA GLU B 104 7.09 -2.53 -5.87
C GLU B 104 6.04 -2.82 -4.87
N ASP B 105 6.37 -2.60 -3.64
CA ASP B 105 5.35 -3.05 -2.70
C ASP B 105 4.51 -1.83 -2.12
N GLY B 106 4.59 -0.69 -2.80
CA GLY B 106 3.97 0.55 -2.39
C GLY B 106 4.85 1.45 -1.51
N SER B 107 5.97 0.93 -1.00
CA SER B 107 6.86 1.68 -0.07
C SER B 107 7.45 2.95 -0.67
N ILE B 108 8.18 2.78 -1.76
CA ILE B 108 8.64 3.95 -2.55
C ILE B 108 7.46 4.78 -3.10
N GLN B 109 6.35 4.13 -3.44
CA GLN B 109 5.21 4.90 -3.90
C GLN B 109 4.68 5.77 -2.72
N GLY B 110 4.89 5.31 -1.52
CA GLY B 110 4.35 6.11 -0.44
C GLY B 110 5.09 7.46 -0.31
N LEU B 111 6.42 7.43 -0.45
CA LEU B 111 7.27 8.63 -0.39
C LEU B 111 6.91 9.51 -1.62
N PHE B 112 6.88 8.92 -2.84
CA PHE B 112 6.49 9.69 -3.98
C PHE B 112 5.20 10.43 -3.64
N GLU B 113 4.21 9.73 -3.06
CA GLU B 113 2.92 10.38 -2.80
C GLU B 113 3.08 11.54 -1.84
N LEU B 114 3.83 11.36 -0.75
CA LEU B 114 4.04 12.48 0.22
C LEU B 114 4.68 13.69 -0.49
N SER B 115 5.73 13.43 -1.26
CA SER B 115 6.49 14.45 -1.96
C SER B 115 5.70 15.29 -2.96
N GLY B 116 4.65 14.71 -3.60
CA GLY B 116 3.84 15.39 -4.58
C GLY B 116 4.63 15.35 -5.90
N ILE B 117 5.75 14.64 -5.96
CA ILE B 117 6.50 14.55 -7.18
C ILE B 117 5.83 13.51 -8.03
N PRO B 118 5.46 13.89 -9.25
CA PRO B 118 4.88 12.92 -10.19
C PRO B 118 5.88 11.76 -10.42
N PHE B 119 5.33 10.58 -10.61
CA PHE B 119 6.14 9.39 -10.74
C PHE B 119 5.56 8.35 -11.73
N VAL B 120 6.44 7.47 -12.21
CA VAL B 120 6.08 6.52 -13.19
C VAL B 120 5.37 5.36 -12.56
N GLY B 121 4.38 4.86 -13.25
CA GLY B 121 3.67 3.64 -12.89
C GLY B 121 2.62 3.60 -11.79
N CYS B 122 2.57 2.41 -11.18
CA CYS B 122 1.44 2.03 -10.29
C CYS B 122 1.42 2.83 -9.04
N ASP B 123 0.22 3.06 -8.52
CA ASP B 123 0.09 3.77 -7.23
C ASP B 123 0.30 2.82 -6.12
N ILE B 124 0.06 3.29 -4.90
CA ILE B 124 0.24 2.47 -3.67
C ILE B 124 -0.61 1.23 -3.56
N GLN B 125 -1.89 1.36 -3.75
CA GLN B 125 -2.68 0.23 -3.42
C GLN B 125 -2.52 -0.89 -4.45
N SER B 126 -2.32 -0.54 -5.74
CA SER B 126 -2.16 -1.50 -6.82
C SER B 126 -0.76 -2.20 -6.77
N SER B 127 0.27 -1.48 -6.34
CA SER B 127 1.60 -2.07 -6.08
C SER B 127 1.44 -3.03 -4.91
N ALA B 128 0.88 -2.57 -3.79
CA ALA B 128 0.61 -3.51 -2.70
C ALA B 128 -0.27 -4.70 -3.16
N ILE B 129 -1.26 -4.48 -4.03
CA ILE B 129 -2.00 -5.68 -4.42
C ILE B 129 -1.32 -6.67 -5.36
N CYS B 130 -0.46 -6.18 -6.27
CA CYS B 130 0.20 -7.05 -7.18
C CYS B 130 1.41 -7.72 -6.49
N MET B 131 1.96 -7.09 -5.44
CA MET B 131 3.14 -7.58 -4.77
C MET B 131 2.87 -8.84 -3.97
N ASP B 132 1.76 -8.84 -3.20
CA ASP B 132 1.37 -9.97 -2.41
C ASP B 132 0.57 -10.84 -3.34
N LYS B 133 1.22 -11.87 -3.86
CA LYS B 133 0.51 -12.75 -4.74
C LYS B 133 -0.87 -13.17 -4.19
N SER B 134 -0.95 -13.53 -2.92
CA SER B 134 -2.30 -13.87 -2.41
C SER B 134 -3.29 -12.75 -2.59
N LEU B 135 -2.84 -11.55 -2.30
CA LEU B 135 -3.72 -10.43 -2.43
C LEU B 135 -4.10 -10.29 -3.90
N THR B 136 -3.16 -10.53 -4.80
CA THR B 136 -3.53 -10.45 -6.19
C THR B 136 -4.58 -11.56 -6.63
N TYR B 137 -4.42 -12.79 -6.18
CA TYR B 137 -5.43 -13.79 -6.58
C TYR B 137 -6.85 -13.36 -6.04
N ILE B 138 -6.88 -12.88 -4.80
CA ILE B 138 -8.15 -12.47 -4.21
C ILE B 138 -8.86 -11.38 -5.02
N VAL B 139 -8.12 -10.40 -5.50
CA VAL B 139 -8.79 -9.37 -6.27
C VAL B 139 -9.09 -9.84 -7.68
N ALA B 140 -8.18 -10.59 -8.21
CA ALA B 140 -8.41 -11.21 -9.47
C ALA B 140 -9.62 -12.17 -9.41
N LYS B 141 -9.75 -13.05 -8.41
CA LYS B 141 -10.95 -13.91 -8.43
C LYS B 141 -12.17 -13.03 -8.42
N ASN B 142 -12.20 -12.05 -7.50
CA ASN B 142 -13.37 -11.23 -7.39
C ASN B 142 -13.74 -10.61 -8.77
N ALA B 143 -12.80 -10.12 -9.54
CA ALA B 143 -13.18 -9.75 -10.88
C ALA B 143 -13.49 -10.94 -11.85
N GLY B 144 -13.42 -12.17 -11.42
CA GLY B 144 -13.77 -13.16 -12.41
C GLY B 144 -12.64 -13.70 -13.34
N ILE B 145 -11.41 -13.66 -12.83
CA ILE B 145 -10.22 -13.99 -13.55
C ILE B 145 -9.86 -15.22 -12.84
N ALA B 146 -9.68 -16.29 -13.65
CA ALA B 146 -9.19 -17.55 -13.16
C ALA B 146 -7.79 -17.37 -12.61
N THR B 147 -7.42 -18.11 -11.56
CA THR B 147 -6.12 -18.09 -10.94
C THR B 147 -5.81 -19.49 -10.42
N PRO B 148 -4.58 -19.77 -9.98
CA PRO B 148 -4.24 -21.10 -9.44
C PRO B 148 -4.95 -21.32 -8.15
N ALA B 149 -5.06 -22.53 -7.63
CA ALA B 149 -5.70 -22.72 -6.38
C ALA B 149 -4.53 -22.58 -5.43
N PHE B 150 -4.65 -21.97 -4.25
CA PHE B 150 -3.45 -21.76 -3.42
C PHE B 150 -3.80 -21.74 -1.98
N TRP B 151 -2.80 -21.88 -1.14
CA TRP B 151 -3.06 -21.90 0.30
C TRP B 151 -2.03 -20.94 0.88
N VAL B 152 -2.50 -20.02 1.74
CA VAL B 152 -1.61 -19.13 2.44
C VAL B 152 -1.04 -19.78 3.66
N ILE B 153 0.28 -19.85 3.74
CA ILE B 153 0.91 -20.50 4.85
C ILE B 153 1.51 -19.49 5.74
N ASN B 154 0.81 -19.25 6.86
CA ASN B 154 1.31 -18.29 7.80
C ASN B 154 2.49 -18.79 8.56
N LYS B 155 3.27 -17.85 9.08
CA LYS B 155 4.47 -18.12 9.89
C LYS B 155 4.35 -19.34 10.84
N ASP B 156 3.16 -19.56 11.39
CA ASP B 156 3.05 -20.49 12.47
C ASP B 156 2.43 -21.79 12.00
N ASP B 157 1.75 -21.75 10.87
CA ASP B 157 1.26 -22.92 10.20
C ASP B 157 2.30 -24.04 9.97
N ARG B 158 1.79 -25.23 9.71
CA ARG B 158 2.58 -26.45 9.50
C ARG B 158 1.73 -27.31 8.62
N PRO B 159 1.77 -27.01 7.36
CA PRO B 159 1.01 -27.77 6.40
C PRO B 159 1.36 -29.26 6.55
N VAL B 160 0.42 -30.18 6.31
CA VAL B 160 0.72 -31.59 6.36
C VAL B 160 0.78 -32.01 4.91
N ALA B 161 1.96 -32.46 4.54
CA ALA B 161 2.30 -32.73 3.10
C ALA B 161 1.49 -33.73 2.36
N ALA B 162 1.11 -34.77 3.12
CA ALA B 162 0.43 -35.92 2.55
C ALA B 162 -0.86 -35.41 2.04
N THR B 163 -1.27 -34.23 2.46
CA THR B 163 -2.56 -33.78 1.97
C THR B 163 -2.55 -33.13 0.60
N PHE B 164 -1.39 -32.89 0.00
CA PHE B 164 -1.55 -32.20 -1.24
C PHE B 164 -1.47 -33.19 -2.35
N THR B 165 -1.86 -32.73 -3.52
CA THR B 165 -1.73 -33.40 -4.78
C THR B 165 -0.50 -32.74 -5.53
N TYR B 166 0.46 -33.53 -6.01
CA TYR B 166 1.67 -33.02 -6.61
C TYR B 166 1.54 -33.01 -8.15
N PRO B 167 2.31 -32.22 -8.85
CA PRO B 167 3.23 -31.29 -8.22
C PRO B 167 2.52 -29.98 -7.63
N VAL B 168 3.31 -29.26 -6.80
CA VAL B 168 2.99 -27.89 -6.41
C VAL B 168 4.18 -26.92 -6.46
N PHE B 169 3.78 -25.65 -6.51
CA PHE B 169 4.73 -24.56 -6.39
C PHE B 169 4.59 -23.90 -5.08
N VAL B 170 5.74 -23.65 -4.48
CA VAL B 170 5.93 -23.02 -3.17
C VAL B 170 6.71 -21.74 -3.35
N LYS B 171 6.36 -20.68 -2.61
CA LYS B 171 6.94 -19.38 -2.93
C LYS B 171 6.59 -18.36 -1.95
N PRO B 172 7.43 -17.36 -1.82
CA PRO B 172 7.13 -16.20 -0.96
C PRO B 172 5.89 -15.47 -1.44
N ALA B 173 5.16 -14.92 -0.51
CA ALA B 173 3.94 -14.16 -0.89
C ALA B 173 4.37 -12.89 -1.65
N ARG B 174 5.43 -12.22 -1.17
CA ARG B 174 5.98 -11.00 -1.78
C ARG B 174 7.48 -10.99 -2.16
N SER B 175 7.94 -11.78 -3.15
CA SER B 175 9.24 -11.61 -3.73
C SER B 175 9.00 -11.57 -5.27
N GLY B 176 10.07 -11.71 -6.06
CA GLY B 176 10.06 -11.71 -7.49
C GLY B 176 11.37 -12.31 -7.87
N SER B 177 11.61 -12.33 -9.17
CA SER B 177 12.80 -12.89 -9.78
C SER B 177 13.08 -14.41 -9.47
N SER B 178 12.04 -15.06 -8.94
CA SER B 178 12.04 -16.44 -8.59
C SER B 178 12.78 -16.75 -7.31
N PHE B 179 13.22 -15.75 -6.55
CA PHE B 179 13.71 -15.99 -5.21
C PHE B 179 12.68 -16.78 -4.38
N GLY B 180 13.19 -17.87 -3.80
CA GLY B 180 12.36 -18.72 -2.95
C GLY B 180 11.32 -19.55 -3.64
N VAL B 181 11.32 -19.64 -4.95
CA VAL B 181 10.30 -20.46 -5.64
C VAL B 181 10.78 -21.89 -5.94
N LYS B 182 9.90 -22.89 -5.75
CA LYS B 182 10.23 -24.29 -6.05
C LYS B 182 9.05 -25.11 -6.67
N LYS B 183 9.32 -25.92 -7.71
CA LYS B 183 8.30 -26.82 -8.22
C LYS B 183 8.40 -27.96 -7.25
N VAL B 184 7.31 -28.33 -6.58
CA VAL B 184 7.54 -29.40 -5.69
C VAL B 184 6.87 -30.69 -6.20
N ASN B 185 7.69 -31.70 -6.41
CA ASN B 185 7.12 -32.93 -7.04
C ASN B 185 6.54 -33.98 -6.18
N SER B 186 6.87 -33.97 -4.89
CA SER B 186 6.33 -34.99 -4.03
C SER B 186 6.47 -34.53 -2.65
N ALA B 187 5.76 -35.21 -1.76
CA ALA B 187 5.57 -34.75 -0.40
C ALA B 187 6.76 -34.56 0.48
N ASP B 188 7.85 -35.26 0.24
CA ASP B 188 8.86 -35.11 1.24
C ASP B 188 9.75 -33.98 0.90
N GLU B 189 9.44 -33.33 -0.18
CA GLU B 189 10.18 -32.13 -0.41
C GLU B 189 9.31 -30.87 0.00
N LEU B 190 8.08 -31.01 0.53
CA LEU B 190 7.30 -29.82 0.86
C LEU B 190 7.89 -28.88 1.87
N ASP B 191 8.48 -29.43 2.85
CA ASP B 191 9.06 -28.66 3.87
C ASP B 191 10.25 -27.86 3.60
N TYR B 192 11.19 -28.55 3.01
CA TYR B 192 12.41 -27.97 2.56
C TYR B 192 12.00 -26.73 1.69
N ALA B 193 11.07 -26.89 0.78
CA ALA B 193 10.62 -25.81 -0.07
C ALA B 193 9.99 -24.63 0.72
N ILE B 194 9.15 -25.01 1.69
CA ILE B 194 8.51 -24.06 2.55
C ILE B 194 9.52 -23.26 3.30
N GLU B 195 10.59 -23.94 3.75
CA GLU B 195 11.58 -23.21 4.54
C GLU B 195 12.41 -22.36 3.63
N SER B 196 12.48 -22.76 2.38
CA SER B 196 13.31 -21.97 1.56
C SER B 196 12.57 -20.67 1.22
N ALA B 197 11.29 -20.75 0.85
CA ALA B 197 10.43 -19.63 0.53
C ALA B 197 10.43 -18.71 1.75
N ARG B 198 10.46 -19.27 2.96
CA ARG B 198 10.51 -18.37 4.12
C ARG B 198 11.80 -17.61 4.33
N GLN B 199 12.79 -17.76 3.47
CA GLN B 199 13.95 -16.91 3.74
C GLN B 199 13.55 -15.53 3.21
N TYR B 200 12.50 -15.46 2.40
CA TYR B 200 12.14 -14.19 1.73
C TYR B 200 10.90 -13.46 2.20
N ASP B 201 10.07 -14.12 2.97
CA ASP B 201 8.84 -13.52 3.49
C ASP B 201 8.37 -14.43 4.62
N SER B 202 7.89 -13.85 5.70
CA SER B 202 7.34 -14.68 6.74
C SER B 202 6.01 -15.34 6.34
N LYS B 203 5.44 -14.97 5.18
CA LYS B 203 4.22 -15.62 4.77
C LYS B 203 4.47 -16.13 3.39
N ILE B 204 4.17 -17.42 3.17
CA ILE B 204 4.45 -18.03 1.91
C ILE B 204 3.23 -18.68 1.44
N LEU B 205 3.20 -18.92 0.15
CA LEU B 205 2.07 -19.56 -0.46
C LEU B 205 2.51 -20.90 -1.09
N ILE B 206 1.53 -21.78 -1.17
CA ILE B 206 1.54 -23.04 -1.85
C ILE B 206 0.47 -23.01 -2.98
N GLU B 207 0.92 -23.16 -4.24
CA GLU B 207 -0.02 -23.12 -5.37
C GLU B 207 -0.19 -24.47 -6.03
N GLN B 208 -1.40 -24.78 -6.47
CA GLN B 208 -1.56 -25.92 -7.39
C GLN B 208 -0.75 -25.64 -8.65
N ALA B 209 -0.07 -26.61 -9.26
CA ALA B 209 0.59 -26.39 -10.57
C ALA B 209 -0.39 -26.03 -11.67
N VAL B 210 -0.08 -24.99 -12.43
CA VAL B 210 -0.87 -24.74 -13.58
C VAL B 210 -0.25 -25.30 -14.86
N SER B 211 -1.06 -26.03 -15.63
CA SER B 211 -0.42 -26.68 -16.79
C SER B 211 -0.35 -25.75 -18.01
N GLY B 212 0.53 -26.08 -18.94
CA GLY B 212 0.62 -25.28 -20.13
C GLY B 212 1.92 -24.49 -20.12
N CYS B 213 1.85 -23.32 -20.73
CA CYS B 213 3.00 -22.50 -20.80
C CYS B 213 2.70 -21.02 -20.38
N GLU B 214 3.79 -20.26 -20.20
CA GLU B 214 3.77 -18.93 -19.73
C GLU B 214 3.62 -18.00 -20.93
N VAL B 215 2.60 -17.17 -20.86
CA VAL B 215 2.42 -16.14 -21.85
C VAL B 215 2.28 -14.86 -21.09
N GLY B 216 3.08 -13.89 -21.57
CA GLY B 216 3.21 -12.61 -20.89
C GLY B 216 2.66 -11.48 -21.72
N CYS B 217 2.28 -10.39 -21.07
CA CYS B 217 1.81 -9.26 -21.83
C CYS B 217 2.28 -7.93 -21.21
N ALA B 218 3.01 -7.16 -22.02
CA ALA B 218 3.51 -5.89 -21.49
C ALA B 218 2.50 -4.83 -21.81
N VAL B 219 2.14 -4.10 -20.78
CA VAL B 219 1.10 -3.13 -20.86
C VAL B 219 1.65 -1.78 -20.49
N LEU B 220 1.17 -0.74 -21.17
CA LEU B 220 1.53 0.65 -21.00
C LEU B 220 0.28 1.53 -21.11
N GLY B 221 0.22 2.53 -20.18
CA GLY B 221 -0.95 3.36 -20.10
C GLY B 221 -1.73 3.40 -18.78
N ASN B 222 -2.66 4.34 -18.82
CA ASN B 222 -3.63 4.53 -17.83
C ASN B 222 -4.84 3.91 -18.38
N SER B 223 -5.77 3.83 -17.46
CA SER B 223 -7.15 3.24 -17.55
C SER B 223 -7.85 3.42 -18.94
N ALA B 224 -8.02 4.64 -19.37
CA ALA B 224 -8.66 4.88 -20.65
C ALA B 224 -7.95 4.31 -21.92
N ALA B 225 -6.68 3.99 -21.95
CA ALA B 225 -6.17 3.55 -23.27
C ALA B 225 -4.94 2.64 -23.06
N LEU B 226 -5.06 1.36 -23.34
CA LEU B 226 -3.92 0.50 -23.01
C LEU B 226 -3.19 0.04 -24.24
N VAL B 227 -1.88 0.27 -24.18
CA VAL B 227 -1.00 -0.16 -25.24
C VAL B 227 -0.29 -1.44 -24.76
N VAL B 228 -0.39 -2.51 -25.52
CA VAL B 228 0.26 -3.73 -25.18
C VAL B 228 1.34 -4.07 -26.22
N GLY B 229 2.44 -4.66 -25.75
CA GLY B 229 3.44 -5.14 -26.66
C GLY B 229 3.07 -6.49 -27.20
N GLU B 230 3.92 -7.07 -28.02
CA GLU B 230 3.63 -8.44 -28.50
C GLU B 230 3.62 -9.43 -27.37
N VAL B 231 2.76 -10.42 -27.50
CA VAL B 231 2.71 -11.44 -26.48
C VAL B 231 3.98 -12.29 -26.50
N ASP B 232 4.56 -12.63 -25.35
CA ASP B 232 5.70 -13.51 -25.36
C ASP B 232 5.32 -14.93 -24.88
N GLN B 233 6.20 -15.93 -25.09
CA GLN B 233 5.98 -17.28 -24.56
C GLN B 233 7.23 -17.95 -24.06
N ILE B 234 7.14 -18.46 -22.85
CA ILE B 234 8.21 -19.19 -22.20
C ILE B 234 7.86 -20.69 -22.24
N ARG B 235 8.72 -21.50 -22.82
CA ARG B 235 8.52 -22.92 -22.73
C ARG B 235 9.75 -23.39 -21.97
N LEU B 236 9.52 -24.33 -21.05
CA LEU B 236 10.53 -24.83 -20.16
C LEU B 236 10.80 -26.30 -20.41
N GLN B 237 12.10 -26.61 -20.46
CA GLN B 237 12.44 -27.95 -20.73
C GLN B 237 12.26 -28.70 -19.44
N TYR B 238 12.25 -28.01 -18.33
CA TYR B 238 12.07 -28.66 -17.01
C TYR B 238 12.21 -27.51 -16.12
N GLY B 239 11.82 -27.74 -14.86
CA GLY B 239 12.16 -26.78 -13.78
C GLY B 239 11.26 -25.55 -13.86
N ILE B 240 11.72 -24.39 -13.45
CA ILE B 240 10.89 -23.22 -13.49
C ILE B 240 11.63 -22.16 -14.21
N PHE B 241 10.90 -21.10 -14.55
CA PHE B 241 11.55 -19.99 -15.18
C PHE B 241 12.30 -19.27 -14.05
N ARG B 242 13.58 -18.99 -14.22
CA ARG B 242 14.37 -18.27 -13.23
C ARG B 242 15.64 -17.63 -13.86
N ILE B 243 15.51 -17.10 -15.07
CA ILE B 243 16.63 -16.53 -15.72
C ILE B 243 17.53 -15.71 -14.79
N HIS B 244 17.05 -14.81 -13.95
CA HIS B 244 18.03 -14.04 -13.18
C HIS B 244 18.76 -14.87 -12.13
N GLN B 245 18.30 -16.08 -11.86
CA GLN B 245 19.04 -16.86 -10.90
C GLN B 245 20.17 -17.66 -11.66
N GLU B 246 20.09 -17.76 -12.96
CA GLU B 246 21.09 -18.54 -13.68
C GLU B 246 22.48 -17.91 -13.65
N VAL B 247 23.50 -18.72 -13.97
CA VAL B 247 24.81 -18.15 -14.22
C VAL B 247 24.82 -17.62 -15.62
N GLU B 248 25.40 -16.46 -15.69
CA GLU B 248 25.53 -15.72 -16.94
C GLU B 248 24.20 -15.60 -17.74
N PRO B 249 23.16 -15.04 -17.14
CA PRO B 249 21.82 -14.93 -17.77
C PRO B 249 21.83 -14.28 -19.13
N GLU B 250 22.72 -13.32 -19.34
CA GLU B 250 22.75 -12.73 -20.67
C GLU B 250 23.13 -13.72 -21.75
N LYS B 251 23.66 -14.83 -21.37
CA LYS B 251 24.01 -15.76 -22.41
C LYS B 251 22.84 -16.64 -22.90
N GLY B 252 21.69 -16.52 -22.26
CA GLY B 252 20.56 -17.36 -22.61
C GLY B 252 20.31 -18.33 -21.48
N SER B 253 19.06 -18.72 -21.33
CA SER B 253 18.68 -19.58 -20.23
C SER B 253 19.05 -21.03 -20.51
N GLU B 254 19.32 -21.82 -19.47
CA GLU B 254 19.63 -23.23 -19.75
C GLU B 254 18.38 -24.11 -19.84
N ASN B 255 17.29 -23.70 -19.15
CA ASN B 255 16.07 -24.47 -19.23
C ASN B 255 14.92 -23.80 -19.94
N ALA B 256 15.03 -22.58 -20.38
CA ALA B 256 13.78 -21.96 -20.91
C ALA B 256 14.01 -21.32 -22.25
N VAL B 257 13.00 -21.42 -23.09
CA VAL B 257 13.01 -20.76 -24.38
C VAL B 257 11.85 -19.77 -24.55
N ILE B 258 12.22 -18.51 -24.79
CA ILE B 258 11.24 -17.45 -24.89
C ILE B 258 11.09 -17.06 -26.36
N THR B 259 9.85 -17.06 -26.87
CA THR B 259 9.53 -16.67 -28.24
C THR B 259 8.68 -15.38 -28.22
N VAL B 260 8.97 -14.44 -29.12
CA VAL B 260 8.24 -13.22 -29.27
C VAL B 260 8.32 -12.79 -30.74
N PRO B 261 7.20 -12.59 -31.36
CA PRO B 261 5.91 -12.86 -30.72
C PRO B 261 5.71 -14.31 -30.44
N ALA B 262 4.75 -14.59 -29.56
CA ALA B 262 4.41 -15.95 -29.20
C ALA B 262 3.99 -16.75 -30.43
N ASP B 263 4.35 -18.03 -30.45
CA ASP B 263 3.94 -18.88 -31.59
C ASP B 263 2.48 -19.37 -31.49
N LEU B 264 1.54 -18.47 -31.72
CA LEU B 264 0.15 -18.74 -31.46
C LEU B 264 -0.57 -17.92 -32.52
N SER B 265 -1.79 -18.23 -32.92
CA SER B 265 -2.47 -17.41 -33.92
C SER B 265 -2.67 -15.98 -33.38
N ALA B 266 -3.13 -15.09 -34.26
CA ALA B 266 -3.34 -13.73 -33.97
C ALA B 266 -4.62 -13.59 -33.18
N GLU B 267 -5.36 -14.65 -33.20
CA GLU B 267 -6.56 -14.64 -32.44
C GLU B 267 -6.12 -15.03 -31.02
N GLU B 268 -5.17 -15.95 -30.90
CA GLU B 268 -4.86 -16.35 -29.54
C GLU B 268 -4.11 -15.26 -28.75
N ARG B 269 -3.30 -14.55 -29.47
CA ARG B 269 -2.49 -13.50 -28.92
C ARG B 269 -3.34 -12.30 -28.54
N GLY B 270 -4.31 -11.93 -29.41
CA GLY B 270 -5.21 -10.86 -29.06
C GLY B 270 -5.91 -11.22 -27.78
N ARG B 271 -6.39 -12.46 -27.73
CA ARG B 271 -7.11 -12.92 -26.55
C ARG B 271 -6.25 -12.73 -25.29
N ILE B 272 -5.00 -13.18 -25.35
CA ILE B 272 -4.13 -12.99 -24.19
C ILE B 272 -3.98 -11.47 -23.82
N GLN B 273 -3.73 -10.63 -24.80
CA GLN B 273 -3.71 -9.22 -24.54
C GLN B 273 -5.01 -8.66 -23.85
N GLU B 274 -6.19 -8.95 -24.39
CA GLU B 274 -7.40 -8.49 -23.78
C GLU B 274 -7.52 -9.04 -22.34
N THR B 275 -7.13 -10.29 -22.12
CA THR B 275 -7.18 -10.76 -20.76
C THR B 275 -6.28 -9.94 -19.81
N VAL B 276 -5.08 -9.63 -20.32
CA VAL B 276 -4.12 -8.84 -19.60
C VAL B 276 -4.67 -7.47 -19.35
N LYS B 277 -5.33 -6.87 -20.34
CA LYS B 277 -5.94 -5.59 -20.04
C LYS B 277 -6.94 -5.63 -18.83
N LYS B 278 -7.75 -6.70 -18.70
CA LYS B 278 -8.69 -6.70 -17.61
C LYS B 278 -8.04 -7.00 -16.35
N ILE B 279 -7.02 -7.87 -16.38
CA ILE B 279 -6.35 -8.11 -15.14
C ILE B 279 -5.84 -6.77 -14.57
N TYR B 280 -5.29 -5.96 -15.48
CA TYR B 280 -4.66 -4.71 -15.20
C TYR B 280 -5.61 -3.70 -14.64
N LYS B 281 -6.79 -3.62 -15.27
CA LYS B 281 -7.80 -2.76 -14.79
C LYS B 281 -8.35 -3.32 -13.48
N THR B 282 -8.47 -4.63 -13.31
CA THR B 282 -9.03 -5.11 -12.08
C THR B 282 -8.14 -4.75 -10.88
N LEU B 283 -6.83 -4.73 -11.10
CA LEU B 283 -5.91 -4.48 -10.03
C LEU B 283 -5.73 -2.96 -9.82
N GLY B 284 -6.23 -2.16 -10.75
CA GLY B 284 -6.06 -0.74 -10.65
C GLY B 284 -4.70 -0.10 -10.97
N CYS B 285 -3.98 -0.73 -11.90
CA CYS B 285 -2.64 -0.43 -12.34
C CYS B 285 -2.63 0.82 -13.24
N ARG B 286 -1.50 1.48 -13.36
CA ARG B 286 -1.38 2.58 -14.30
C ARG B 286 0.10 2.70 -14.68
N GLY B 287 0.40 3.34 -15.79
CA GLY B 287 1.76 3.52 -16.19
C GLY B 287 2.28 2.34 -16.99
N LEU B 288 2.58 1.30 -16.22
CA LEU B 288 3.02 0.05 -16.77
C LEU B 288 2.85 -1.07 -15.77
N ALA B 289 2.87 -2.29 -16.32
CA ALA B 289 3.02 -3.52 -15.51
C ALA B 289 3.27 -4.59 -16.53
N ARG B 290 3.92 -5.67 -16.10
CA ARG B 290 3.95 -6.84 -16.96
C ARG B 290 2.98 -7.89 -16.40
N VAL B 291 1.97 -8.21 -17.20
CA VAL B 291 1.05 -9.24 -16.81
C VAL B 291 1.44 -10.58 -17.35
N ASP B 292 1.77 -11.47 -16.41
CA ASP B 292 2.09 -12.85 -16.66
C ASP B 292 0.99 -13.78 -16.39
N MET B 293 0.78 -14.64 -17.36
CA MET B 293 -0.26 -15.62 -17.40
C MET B 293 0.25 -17.03 -17.77
N PHE B 294 -0.58 -18.03 -17.45
CA PHE B 294 -0.45 -19.41 -17.96
C PHE B 294 -1.44 -19.66 -19.11
N LEU B 295 -1.02 -20.21 -20.26
CA LEU B 295 -2.04 -20.59 -21.28
C LEU B 295 -2.20 -22.08 -21.31
N GLN B 296 -3.27 -22.61 -20.72
CA GLN B 296 -3.53 -24.06 -20.70
C GLN B 296 -3.83 -24.66 -22.05
N ASP B 297 -3.50 -25.93 -22.19
CA ASP B 297 -3.70 -26.58 -23.49
C ASP B 297 -5.17 -26.49 -23.95
N ARG B 298 -6.11 -26.48 -23.00
CA ARG B 298 -7.57 -26.27 -23.28
C ARG B 298 -7.65 -24.89 -23.95
N GLY B 299 -6.57 -24.12 -23.80
CA GLY B 299 -6.60 -22.76 -24.27
C GLY B 299 -7.11 -21.75 -23.24
N ARG B 300 -7.36 -22.13 -22.00
CA ARG B 300 -7.74 -21.12 -21.07
C ARG B 300 -6.60 -20.53 -20.24
N ILE B 301 -6.83 -19.26 -20.00
CA ILE B 301 -5.86 -18.35 -19.47
C ILE B 301 -6.04 -18.18 -18.03
N VAL B 302 -4.99 -18.55 -17.27
CA VAL B 302 -4.89 -18.37 -15.83
C VAL B 302 -3.81 -17.34 -15.43
N LEU B 303 -4.12 -16.51 -14.46
CA LEU B 303 -3.18 -15.55 -14.00
C LEU B 303 -2.12 -16.26 -13.25
N ASN B 304 -0.91 -15.74 -13.44
CA ASN B 304 0.29 -16.16 -12.67
C ASN B 304 0.68 -15.03 -11.68
N GLU B 305 1.07 -13.89 -12.21
CA GLU B 305 1.29 -12.73 -11.40
C GLU B 305 1.41 -11.52 -12.23
N VAL B 306 1.37 -10.41 -11.56
CA VAL B 306 1.51 -9.14 -12.20
C VAL B 306 2.68 -8.44 -11.61
N ASN B 307 3.62 -8.07 -12.52
CA ASN B 307 4.83 -7.39 -12.06
C ASN B 307 4.80 -5.91 -12.45
N THR B 308 4.59 -5.01 -11.48
CA THR B 308 4.33 -3.60 -11.77
C THR B 308 5.57 -2.86 -12.17
N LEU B 309 6.69 -3.07 -11.48
CA LEU B 309 7.91 -2.50 -11.98
C LEU B 309 8.83 -3.56 -12.59
N PRO B 310 8.51 -3.95 -13.81
CA PRO B 310 9.14 -5.12 -14.48
C PRO B 310 10.63 -4.95 -14.86
N GLY B 311 11.34 -6.07 -15.05
CA GLY B 311 12.75 -5.93 -15.32
C GLY B 311 12.99 -5.13 -16.61
N PHE B 312 13.94 -4.18 -16.58
CA PHE B 312 14.34 -3.60 -17.81
C PHE B 312 15.79 -4.10 -18.17
N THR B 313 16.26 -5.25 -17.69
CA THR B 313 17.60 -5.69 -18.09
C THR B 313 17.61 -5.93 -19.55
N SER B 314 18.80 -6.11 -20.12
CA SER B 314 18.90 -6.41 -21.52
C SER B 314 18.35 -7.76 -21.92
N TYR B 315 17.95 -8.58 -21.02
CA TYR B 315 17.41 -9.82 -21.50
C TYR B 315 15.94 -9.96 -20.88
N SER B 316 15.43 -8.81 -20.46
CA SER B 316 14.14 -8.64 -19.76
C SER B 316 12.93 -8.86 -20.64
N ARG B 317 11.82 -9.31 -20.07
CA ARG B 317 10.65 -9.53 -20.95
C ARG B 317 9.95 -8.31 -21.54
N TYR B 318 9.85 -7.23 -20.78
CA TYR B 318 8.93 -6.18 -21.17
C TYR B 318 9.42 -5.29 -22.28
N PRO B 319 10.62 -4.78 -22.16
CA PRO B 319 11.20 -3.95 -23.23
C PRO B 319 11.25 -4.75 -24.49
N ARG B 320 11.56 -6.02 -24.34
CA ARG B 320 11.54 -6.90 -25.45
C ARG B 320 10.10 -6.95 -26.01
N MET B 321 9.08 -7.18 -25.20
CA MET B 321 7.76 -7.24 -25.82
C MET B 321 7.45 -5.90 -26.49
N MET B 322 7.93 -4.82 -25.88
CA MET B 322 7.70 -3.51 -26.41
C MET B 322 8.38 -3.27 -27.78
N ALA B 323 9.66 -3.58 -27.84
CA ALA B 323 10.44 -3.37 -29.06
C ALA B 323 9.81 -4.15 -30.19
N ALA B 324 9.30 -5.30 -29.88
CA ALA B 324 8.70 -6.10 -30.91
C ALA B 324 7.42 -5.48 -31.38
N ALA B 325 6.77 -4.70 -30.59
CA ALA B 325 5.60 -3.97 -31.08
C ALA B 325 5.94 -2.61 -31.71
N GLY B 326 7.19 -2.35 -31.94
CA GLY B 326 7.68 -1.12 -32.51
C GLY B 326 8.03 -0.06 -31.49
N ILE B 327 8.11 -0.33 -30.18
CA ILE B 327 8.49 0.74 -29.27
C ILE B 327 9.80 0.46 -28.64
N SER B 328 10.81 1.20 -29.05
CA SER B 328 12.07 0.83 -28.50
C SER B 328 12.21 1.52 -27.20
N LEU B 329 13.22 1.07 -26.46
CA LEU B 329 13.51 1.49 -25.12
C LEU B 329 13.44 3.01 -24.98
N PRO B 330 14.18 3.76 -25.78
CA PRO B 330 14.16 5.22 -25.57
C PRO B 330 12.77 5.82 -25.61
N GLU B 331 12.00 5.43 -26.60
CA GLU B 331 10.67 5.91 -26.75
C GLU B 331 9.86 5.38 -25.55
N LEU B 332 10.15 4.14 -25.08
CA LEU B 332 9.44 3.57 -23.99
C LEU B 332 9.62 4.46 -22.78
N ILE B 333 10.89 4.66 -22.43
CA ILE B 333 11.22 5.45 -21.30
C ILE B 333 10.49 6.82 -21.36
N ASP B 334 10.49 7.45 -22.53
CA ASP B 334 9.88 8.72 -22.69
C ASP B 334 8.41 8.70 -22.47
N ARG B 335 7.70 7.74 -23.07
CA ARG B 335 6.27 7.69 -22.82
C ARG B 335 5.90 7.40 -21.34
N LEU B 336 6.66 6.53 -20.68
CA LEU B 336 6.44 6.30 -19.28
C LEU B 336 6.60 7.60 -18.49
N ILE B 337 7.69 8.33 -18.73
CA ILE B 337 7.88 9.59 -18.04
C ILE B 337 6.75 10.57 -18.38
N VAL B 338 6.33 10.61 -19.64
CA VAL B 338 5.30 11.58 -20.02
C VAL B 338 3.98 11.19 -19.41
N LEU B 339 3.80 9.88 -19.26
CA LEU B 339 2.57 9.44 -18.62
C LEU B 339 2.66 9.84 -17.13
N ALA B 340 3.85 9.77 -16.53
CA ALA B 340 3.88 10.22 -15.16
C ALA B 340 3.52 11.69 -15.25
N LEU B 341 4.05 12.46 -16.22
CA LEU B 341 3.70 13.88 -16.14
C LEU B 341 2.32 14.25 -16.71
PB ADP C . -16.15 7.16 7.22
O1B ADP C . -14.75 6.60 6.96
O2B ADP C . -16.59 6.93 8.63
O3B ADP C . -16.17 8.53 6.77
PA ADP C . -18.32 5.28 7.02
O1A ADP C . -18.56 4.26 5.99
O2A ADP C . -18.16 4.73 8.40
O3A ADP C . -17.13 6.15 6.43
O5' ADP C . -19.61 6.27 6.93
C5' ADP C . -20.04 7.13 7.94
C4' ADP C . -21.41 6.80 8.56
O4' ADP C . -22.46 6.68 7.62
C3' ADP C . -21.50 5.50 9.36
O3' ADP C . -20.96 5.76 10.59
C2' ADP C . -22.98 5.13 9.42
O2' ADP C . -23.68 5.92 10.35
C1' ADP C . -23.35 5.58 8.00
N9 ADP C . -23.29 4.52 6.95
C8 ADP C . -22.32 4.47 5.95
N7 ADP C . -22.54 3.41 5.15
C5 ADP C . -23.65 2.78 5.64
C6 ADP C . -24.36 1.68 5.18
N6 ADP C . -24.06 1.09 4.03
N1 ADP C . -25.47 1.28 5.86
C2 ADP C . -25.87 1.98 6.99
N3 ADP C . -25.24 3.10 7.41
C4 ADP C . -24.13 3.48 6.73
C2 PHY D . -10.61 9.77 12.19
C1' PHY D . -13.43 9.15 13.59
C2' PHY D . -14.23 8.86 14.84
C3' PHY D . -15.68 9.27 15.15
C PHY D . -13.36 8.76 16.22
O1 PHY D . -13.54 7.81 16.78
O2 PHY D . -12.63 9.86 16.37
N1 PHY D . -11.25 8.30 10.62
P1 PHY D . -12.46 8.18 12.82
O1P PHY D . -11.71 7.38 13.76
O2P PHY D . -13.32 7.09 12.18
P2 PHY D . -14.40 7.28 11.01
O3P PHY D . -14.91 8.60 11.20
O4P PHY D . -15.37 6.23 11.04
MG MG E . -13.42 5.78 8.37
MG MG F . -16.75 5.46 10.01
S SO4 G . -8.70 3.64 -8.60
O1 SO4 G . -7.50 3.55 -9.43
O2 SO4 G . -8.50 3.15 -7.25
O3 SO4 G . -8.94 5.08 -8.76
O4 SO4 G . -9.82 2.81 -9.07
S SO4 H . -4.45 5.99 -3.10
O1 SO4 H . -3.19 6.09 -3.85
O2 SO4 H . -4.26 6.44 -1.71
O3 SO4 H . -5.55 6.76 -3.69
O4 SO4 H . -4.87 4.60 -3.09
C1 GOL I . 11.72 26.97 6.79
O1 GOL I . 10.72 27.61 5.95
C2 GOL I . 11.92 27.66 8.09
O2 GOL I . 12.62 26.71 8.73
C3 GOL I . 13.16 28.32 7.73
O3 GOL I . 14.19 27.62 8.30
C1 GOL J . -32.69 10.83 8.27
O1 GOL J . -33.23 12.13 8.27
C2 GOL J . -33.73 9.82 7.85
O2 GOL J . -32.97 8.83 7.30
C3 GOL J . -34.11 9.04 9.03
O3 GOL J . -33.16 8.04 8.85
C1 GOL K . 15.91 31.55 10.89
O1 GOL K . 17.03 30.96 11.53
C2 GOL K . 16.38 32.50 9.82
O2 GOL K . 15.68 32.28 8.63
C3 GOL K . 16.31 34.00 10.23
O3 GOL K . 15.13 34.73 9.90
C1 GOL L . 16.23 11.36 29.26
O1 GOL L . 16.84 10.09 29.34
C2 GOL L . 17.13 12.05 28.25
O2 GOL L . 17.41 11.24 27.15
C3 GOL L . 17.19 13.58 28.11
O3 GOL L . 16.05 14.31 27.70
C1 GOL M . -13.85 16.91 -10.19
O1 GOL M . -13.73 15.56 -10.56
C2 GOL M . -14.53 16.96 -8.83
O2 GOL M . -13.69 17.70 -7.98
C3 GOL M . -15.91 17.62 -8.90
O3 GOL M . -16.66 17.37 -7.72
C1 GOL N . 16.53 15.12 18.75
O1 GOL N . 15.97 15.83 17.63
C2 GOL N . 16.81 16.06 19.95
O2 GOL N . 15.61 16.49 20.57
C3 GOL N . 17.68 15.38 21.01
O3 GOL N . 19.05 15.48 20.70
C1 GOL O . -27.97 22.28 8.36
O1 GOL O . -27.77 22.79 7.04
C2 GOL O . -28.27 20.77 8.38
O2 GOL O . -29.59 20.37 8.16
C3 GOL O . -27.16 19.78 7.94
O3 GOL O . -26.69 19.78 6.60
C1 GOL P . -25.93 10.46 -19.81
O1 GOL P . -27.33 10.46 -19.68
C2 GOL P . -25.37 9.39 -20.78
O2 GOL P . -24.24 9.89 -21.45
C3 GOL P . -25.00 8.08 -20.05
O3 GOL P . -23.77 7.51 -20.48
PB ADP Q . 8.33 -14.51 -9.19
O1B ADP Q . 7.67 -13.16 -8.95
O2B ADP Q . 8.52 -14.70 -10.68
O3B ADP Q . 9.49 -14.75 -8.27
PA ADP Q . 6.39 -16.51 -9.88
O1A ADP Q . 5.09 -16.86 -9.28
O2A ADP Q . 6.22 -15.97 -11.28
O3A ADP Q . 7.25 -15.66 -8.89
O5' ADP Q . 7.23 -17.89 -10.06
C5' ADP Q . 8.17 -18.02 -11.14
C4' ADP Q . 8.13 -19.24 -12.06
O4' ADP Q . 7.81 -20.45 -11.41
C3' ADP Q . 7.06 -19.00 -13.03
O3' ADP Q . 7.61 -18.18 -14.04
C2' ADP Q . 6.70 -20.41 -13.46
O2' ADP Q . 7.67 -21.03 -14.25
C1' ADP Q . 6.80 -21.14 -12.13
N9 ADP Q . 5.55 -21.21 -11.37
C8 ADP Q . 5.24 -20.53 -10.19
N7 ADP Q . 4.00 -20.85 -9.84
C5 ADP Q . 3.55 -21.75 -10.74
C6 ADP Q . 2.35 -22.45 -10.85
N6 ADP Q . 1.47 -22.38 -9.92
N1 ADP Q . 2.10 -23.29 -11.91
C2 ADP Q . 3.09 -23.42 -12.86
N3 ADP Q . 4.32 -22.77 -12.74
C4 ADP Q . 4.50 -21.97 -11.71
C2 PHY R . 12.25 -8.06 -11.93
C1' PHY R . 12.03 -10.61 -13.88
C2' PHY R . 11.92 -10.91 -15.36
C3' PHY R . 12.50 -12.26 -15.84
C PHY R . 12.38 -9.75 -16.31
O1 PHY R . 11.71 -9.59 -17.33
O2 PHY R . 13.45 -9.16 -15.97
N1 PHY R . 10.46 -9.10 -10.82
P1 PHY R . 10.95 -9.69 -13.23
O1P PHY R . 10.48 -8.66 -14.14
O2P PHY R . 9.65 -10.47 -13.04
P2 PHY R . 9.37 -11.85 -12.30
O3P PHY R . 10.76 -12.38 -12.14
O4P PHY R . 8.61 -12.71 -13.15
MG MG S . 7.33 -11.30 -9.84
MG MG T . 7.20 -14.43 -12.33
S SO4 U . 0.91 -10.76 6.52
O1 SO4 U . 2.28 -11.18 6.81
O2 SO4 U . -0.20 -11.70 6.78
O3 SO4 U . 0.69 -9.54 7.22
O4 SO4 U . 0.76 -10.39 5.11
C1 GOL V . -1.65 -15.22 -37.35
O1 GOL V . -0.38 -15.67 -36.93
C2 GOL V . -2.27 -16.46 -37.95
O2 GOL V . -2.05 -17.63 -37.18
C3 GOL V . -3.67 -16.17 -38.53
O3 GOL V . -4.61 -17.22 -38.39
C1 GOL W . 22.67 17.97 -23.44
O1 GOL W . 23.18 18.06 -22.13
C2 GOL W . 22.76 16.51 -23.92
O2 GOL W . 22.95 16.45 -25.31
C3 GOL W . 23.90 15.77 -23.22
O3 GOL W . 23.91 14.44 -23.71
C1 GOL X . -1.33 12.84 -17.78
O1 GOL X . -0.21 13.70 -17.66
C2 GOL X . -1.75 12.55 -16.33
O2 GOL X . -2.79 11.59 -16.04
C3 GOL X . -0.54 12.60 -15.39
O3 GOL X . -0.84 13.82 -14.74
C1 GOL Y . 22.07 17.98 -9.98
O1 GOL Y . 21.29 18.53 -11.00
C2 GOL Y . 21.22 17.21 -8.97
O2 GOL Y . 21.76 17.36 -7.69
C3 GOL Y . 19.81 17.78 -8.89
O3 GOL Y . 19.46 17.79 -7.53
C1 GOL Z . 18.23 -1.95 -24.50
O1 GOL Z . 18.77 -2.27 -25.77
C2 GOL Z . 18.72 -2.88 -23.39
O2 GOL Z . 19.29 -2.14 -22.34
C3 GOL Z . 17.60 -3.84 -22.86
O3 GOL Z . 16.45 -3.31 -22.19
C1 GOL AA . 29.59 5.84 1.79
O1 GOL AA . 28.44 5.71 2.60
C2 GOL AA . 29.68 7.20 1.06
O2 GOL AA . 29.31 7.05 -0.30
C3 GOL AA . 28.86 8.32 1.67
O3 GOL AA . 28.43 9.20 0.64
#